data_2C21
#
_entry.id   2C21
#
_cell.length_a   130.193
_cell.length_b   148.957
_cell.length_c   50.698
_cell.angle_alpha   90.00
_cell.angle_beta   90.00
_cell.angle_gamma   90.00
#
_symmetry.space_group_name_H-M   'P 21 21 2'
#
loop_
_entity.id
_entity.type
_entity.pdbx_description
1 polymer 'TRYPANOTHIONE-DEPENDENT GLYOXALASE I'
2 non-polymer 'NICKEL (II) ION'
3 non-polymer (4S)-2-METHYL-2,4-PENTANEDIOL
4 non-polymer (4R)-2-METHYLPENTANE-2,4-DIOL
5 non-polymer 'SODIUM ION'
6 water water
#
_entity_poly.entity_id   1
_entity_poly.type   'polypeptide(L)'
_entity_poly.pdbx_seq_one_letter_code
;GSHMPSRRMLHTMIRVGDLDRSIKFYTERLGMKVLRKWDVPEDKYTLVFLGYGPEMSSTVLELTYNYGVTSYKHDEAYGH
IAIGVEDVKELVADMRKHDVPIDYEDESGFMAFVVDPDGYYIELLNEKTMMEKAEADMKEQGTA
;
_entity_poly.pdbx_strand_id   A,B,C,D,E,F
#
loop_
_chem_comp.id
_chem_comp.type
_chem_comp.name
_chem_comp.formula
MPD non-polymer (4S)-2-METHYL-2,4-PENTANEDIOL 'C6 H14 O2'
MRD non-polymer (4R)-2-METHYLPENTANE-2,4-DIOL 'C6 H14 O2'
NA non-polymer 'SODIUM ION' 'Na 1'
NI non-polymer 'NICKEL (II) ION' 'Ni 2'
#
# COMPACT_ATOMS: atom_id res chain seq x y z
N SER A 6 19.07 11.27 34.34
CA SER A 6 19.21 9.81 34.01
C SER A 6 17.91 9.24 33.44
N ARG A 7 18.01 8.60 32.28
CA ARG A 7 16.87 8.02 31.60
C ARG A 7 17.24 6.64 31.09
N ARG A 8 16.22 5.82 30.86
CA ARG A 8 16.43 4.44 30.45
C ARG A 8 15.23 3.94 29.65
N MET A 9 15.53 3.19 28.59
CA MET A 9 14.52 2.44 27.83
C MET A 9 13.96 1.35 28.73
N LEU A 10 12.64 1.36 28.96
CA LEU A 10 12.05 0.39 29.90
C LEU A 10 11.45 -0.82 29.23
N HIS A 11 10.67 -0.58 28.18
CA HIS A 11 10.04 -1.68 27.46
C HIS A 11 9.50 -1.27 26.10
N THR A 12 9.14 -2.29 25.32
CA THR A 12 8.46 -2.13 24.05
C THR A 12 7.15 -2.90 24.16
N MET A 13 6.06 -2.27 23.72
CA MET A 13 4.73 -2.88 23.82
C MET A 13 4.20 -3.31 22.45
N ILE A 14 3.68 -4.53 22.37
CA ILE A 14 2.97 -5.04 21.17
C ILE A 14 1.62 -5.61 21.63
N ARG A 15 0.61 -5.53 20.75
CA ARG A 15 -0.69 -6.13 21.06
C ARG A 15 -0.76 -7.52 20.43
N VAL A 16 -1.37 -8.44 21.16
CA VAL A 16 -1.39 -9.85 20.77
C VAL A 16 -2.79 -10.39 20.83
N GLY A 17 -3.07 -11.37 19.97
CA GLY A 17 -4.41 -11.96 19.89
C GLY A 17 -4.76 -12.98 20.96
N ASP A 18 -3.75 -13.61 21.56
CA ASP A 18 -3.93 -14.77 22.45
C ASP A 18 -2.73 -14.81 23.39
N LEU A 19 -2.96 -14.46 24.65
CA LEU A 19 -1.89 -14.45 25.65
C LEU A 19 -1.21 -15.82 25.80
N ASP A 20 -2.00 -16.87 25.95
CA ASP A 20 -1.44 -18.21 26.15
C ASP A 20 -0.42 -18.56 25.06
N ARG A 21 -0.78 -18.38 23.79
CA ARG A 21 0.17 -18.76 22.73
C ARG A 21 1.38 -17.81 22.66
N SER A 22 1.21 -16.53 22.97
CA SER A 22 2.34 -15.61 22.93
C SER A 22 3.31 -15.91 24.06
N ILE A 23 2.76 -16.11 25.25
CA ILE A 23 3.57 -16.45 26.41
C ILE A 23 4.33 -17.74 26.17
N LYS A 24 3.70 -18.74 25.55
CA LYS A 24 4.38 -20.00 25.24
C LYS A 24 5.58 -19.80 24.32
N PHE A 25 5.38 -19.00 23.28
CA PHE A 25 6.44 -18.65 22.36
C PHE A 25 7.61 -17.93 23.06
N TYR A 26 7.34 -16.83 23.76
CA TYR A 26 8.43 -16.01 24.30
C TYR A 26 9.16 -16.70 25.46
N THR A 27 8.46 -17.56 26.20
CA THR A 27 9.10 -18.34 27.26
C THR A 27 9.81 -19.59 26.71
N GLU A 28 9.04 -20.49 26.10
CA GLU A 28 9.59 -21.79 25.67
C GLU A 28 10.50 -21.67 24.46
N ARG A 29 10.16 -20.83 23.49
CA ARG A 29 10.99 -20.69 22.29
C ARG A 29 12.14 -19.69 22.48
N LEU A 30 11.92 -18.60 23.24
CA LEU A 30 12.94 -17.56 23.35
C LEU A 30 13.68 -17.47 24.70
N GLY A 31 13.16 -18.16 25.73
CA GLY A 31 13.82 -18.21 27.04
C GLY A 31 13.55 -17.04 27.99
N MET A 32 12.55 -16.21 27.67
CA MET A 32 12.15 -15.14 28.58
C MET A 32 11.37 -15.73 29.74
N LYS A 33 11.15 -14.92 30.76
CA LYS A 33 10.27 -15.32 31.85
C LYS A 33 9.18 -14.28 32.03
N VAL A 34 8.02 -14.74 32.49
CA VAL A 34 6.93 -13.83 32.83
C VAL A 34 7.34 -13.12 34.12
N LEU A 35 7.35 -11.80 34.10
CA LEU A 35 7.71 -10.99 35.27
C LEU A 35 6.48 -10.60 36.10
N ARG A 36 5.42 -10.16 35.43
CA ARG A 36 4.18 -9.81 36.11
C ARG A 36 3.05 -9.63 35.12
N LYS A 37 1.81 -9.71 35.62
CA LYS A 37 0.63 -9.42 34.83
C LYS A 37 -0.20 -8.29 35.46
N TRP A 38 -1.01 -7.63 34.63
CA TRP A 38 -1.88 -6.54 35.06
C TRP A 38 -3.20 -6.72 34.34
N ASP A 39 -4.24 -7.16 35.05
CA ASP A 39 -5.52 -7.52 34.43
C ASP A 39 -6.61 -6.52 34.86
N VAL A 40 -7.32 -5.94 33.88
CA VAL A 40 -8.37 -4.96 34.16
C VAL A 40 -9.69 -5.37 33.49
N PRO A 41 -10.42 -6.29 34.10
CA PRO A 41 -11.64 -6.84 33.50
C PRO A 41 -12.66 -5.78 33.06
N GLU A 42 -12.82 -4.72 33.85
CA GLU A 42 -13.77 -3.66 33.53
C GLU A 42 -13.37 -2.84 32.31
N ASP A 43 -12.08 -2.74 32.03
CA ASP A 43 -11.58 -2.06 30.82
C ASP A 43 -11.22 -3.08 29.71
N LYS A 44 -11.47 -4.36 29.96
CA LYS A 44 -11.34 -5.39 28.96
C LYS A 44 -9.93 -5.48 28.37
N TYR A 45 -8.92 -5.43 29.23
CA TYR A 45 -7.55 -5.70 28.78
C TYR A 45 -6.69 -6.32 29.87
N THR A 46 -5.60 -6.96 29.41
CA THR A 46 -4.61 -7.58 30.25
C THR A 46 -3.24 -7.22 29.69
N LEU A 47 -2.32 -6.84 30.58
CA LEU A 47 -0.91 -6.65 30.23
C LEU A 47 -0.04 -7.75 30.85
N VAL A 48 0.95 -8.19 30.08
CA VAL A 48 1.96 -9.16 30.57
C VAL A 48 3.34 -8.65 30.21
N PHE A 49 4.20 -8.59 31.22
CA PHE A 49 5.58 -8.15 31.04
C PHE A 49 6.47 -9.37 31.10
N LEU A 50 7.28 -9.53 30.07
CA LEU A 50 8.25 -10.65 29.94
C LEU A 50 9.62 -10.12 29.62
N GLY A 51 10.63 -10.84 30.04
CA GLY A 51 11.99 -10.45 29.72
C GLY A 51 13.01 -11.44 30.19
N TYR A 52 14.27 -11.06 30.01
CA TYR A 52 15.38 -11.88 30.42
C TYR A 52 15.86 -11.45 31.81
N GLY A 53 15.20 -10.47 32.38
CA GLY A 53 15.52 -10.04 33.73
C GLY A 53 14.40 -9.12 34.18
N PRO A 54 14.39 -8.77 35.48
CA PRO A 54 13.37 -7.88 36.00
C PRO A 54 13.42 -6.49 35.39
N GLU A 55 12.28 -5.81 35.39
CA GLU A 55 12.22 -4.44 34.86
C GLU A 55 13.23 -3.51 35.52
N MET A 56 13.64 -3.80 36.75
CA MET A 56 14.55 -2.93 37.50
C MET A 56 15.94 -2.90 36.90
N SER A 57 16.32 -3.97 36.20
CA SER A 57 17.66 -4.09 35.61
C SER A 57 17.68 -4.40 34.11
N SER A 58 16.51 -4.46 33.48
CA SER A 58 16.37 -4.94 32.10
C SER A 58 15.33 -4.14 31.36
N THR A 59 15.47 -4.15 30.04
CA THR A 59 14.45 -3.62 29.13
C THR A 59 13.64 -4.82 28.64
N VAL A 60 12.32 -4.74 28.80
CA VAL A 60 11.48 -5.91 28.68
C VAL A 60 10.46 -5.76 27.55
N LEU A 61 9.63 -6.78 27.41
CA LEU A 61 8.56 -6.84 26.44
C LEU A 61 7.21 -6.79 27.18
N GLU A 62 6.32 -5.93 26.69
CA GLU A 62 4.96 -5.80 27.20
C GLU A 62 3.97 -6.26 26.16
N LEU A 63 3.15 -7.25 26.52
CA LEU A 63 2.04 -7.69 25.67
C LEU A 63 0.74 -7.13 26.21
N THR A 64 -0.08 -6.59 25.31
CA THR A 64 -1.41 -6.13 25.62
C THR A 64 -2.39 -7.05 24.90
N TYR A 65 -3.31 -7.62 25.68
CA TYR A 65 -4.42 -8.37 25.14
C TYR A 65 -5.70 -7.55 25.36
N ASN A 66 -6.43 -7.28 24.27
CA ASN A 66 -7.76 -6.70 24.36
C ASN A 66 -8.79 -7.81 24.24
N TYR A 67 -9.68 -7.91 25.22
CA TYR A 67 -10.64 -9.01 25.31
C TYR A 67 -11.41 -9.15 24.00
N GLY A 68 -11.36 -10.35 23.43
CA GLY A 68 -12.13 -10.67 22.24
C GLY A 68 -11.53 -10.19 20.92
N VAL A 69 -10.33 -9.62 20.98
CA VAL A 69 -9.60 -9.22 19.78
C VAL A 69 -8.51 -10.28 19.61
N THR A 70 -8.65 -11.10 18.56
CA THR A 70 -7.81 -12.29 18.41
C THR A 70 -6.79 -12.23 17.26
N SER A 71 -6.81 -11.14 16.50
CA SER A 71 -5.85 -10.98 15.40
CA SER A 71 -5.84 -10.98 15.40
C SER A 71 -5.51 -9.51 15.16
N TYR A 72 -4.27 -9.27 14.76
CA TYR A 72 -3.80 -7.95 14.37
C TYR A 72 -3.11 -8.03 13.01
N LYS A 73 -3.46 -7.11 12.12
CA LYS A 73 -2.71 -6.94 10.87
C LYS A 73 -1.60 -5.90 11.05
N HIS A 74 -0.53 -6.07 10.27
CA HIS A 74 0.70 -5.31 10.49
C HIS A 74 0.93 -4.29 9.38
N ASP A 75 1.44 -3.14 9.81
CA ASP A 75 1.94 -2.09 8.93
C ASP A 75 3.38 -2.46 8.57
N GLU A 76 3.94 -1.66 7.66
CA GLU A 76 5.35 -1.78 7.32
C GLU A 76 6.13 -0.60 7.92
N ALA A 77 5.72 -0.19 9.13
CA ALA A 77 6.33 0.94 9.84
C ALA A 77 7.18 0.37 10.97
N TYR A 78 6.53 -0.24 11.95
CA TYR A 78 7.22 -0.90 13.03
C TYR A 78 8.13 -2.01 12.45
N GLY A 79 9.31 -2.15 13.00
CA GLY A 79 10.33 -3.03 12.46
C GLY A 79 10.36 -4.36 13.18
N HIS A 80 10.99 -4.36 14.34
CA HIS A 80 11.19 -5.58 15.10
C HIS A 80 11.83 -5.26 16.44
N ILE A 81 11.94 -6.29 17.28
CA ILE A 81 12.87 -6.32 18.39
C ILE A 81 14.01 -7.31 18.03
N ALA A 82 15.20 -7.00 18.52
CA ALA A 82 16.39 -7.81 18.29
C ALA A 82 16.83 -8.37 19.61
N ILE A 83 17.21 -9.65 19.58
CA ILE A 83 17.65 -10.36 20.76
C ILE A 83 19.04 -10.94 20.47
N GLY A 84 19.99 -10.68 21.38
CA GLY A 84 21.33 -11.22 21.30
C GLY A 84 21.43 -12.60 21.90
N VAL A 85 21.95 -13.55 21.13
CA VAL A 85 22.09 -14.93 21.54
C VAL A 85 23.52 -15.43 21.35
N GLU A 86 23.79 -16.65 21.80
CA GLU A 86 25.11 -17.26 21.65
C GLU A 86 25.26 -18.07 20.37
N ASP A 87 24.13 -18.63 19.91
CA ASP A 87 24.14 -19.54 18.76
C ASP A 87 22.80 -19.36 18.01
N VAL A 88 22.91 -18.63 16.90
CA VAL A 88 21.74 -18.36 16.07
C VAL A 88 21.27 -19.61 15.36
N LYS A 89 22.22 -20.35 14.80
CA LYS A 89 21.88 -21.52 14.00
C LYS A 89 21.15 -22.52 14.90
N GLU A 90 21.68 -22.74 16.10
CA GLU A 90 21.13 -23.75 17.00
C GLU A 90 19.71 -23.38 17.40
N LEU A 91 19.50 -22.08 17.62
CA LEU A 91 18.20 -21.60 18.00
C LEU A 91 17.20 -21.81 16.85
N VAL A 92 17.63 -21.35 15.64
CA VAL A 92 16.75 -21.39 14.46
C VAL A 92 16.30 -22.80 14.18
N ALA A 93 17.24 -23.74 14.30
CA ALA A 93 16.92 -25.15 14.21
C ALA A 93 15.80 -25.47 15.20
N ASP A 94 16.14 -25.21 16.52
CA ASP A 94 15.13 -25.48 17.55
C ASP A 94 13.76 -24.89 17.21
N MET A 95 13.76 -23.66 16.71
CA MET A 95 12.52 -22.98 16.31
C MET A 95 11.81 -23.74 15.19
N ARG A 96 12.55 -24.02 14.12
CA ARG A 96 11.98 -24.73 12.97
C ARG A 96 11.37 -26.09 13.39
N LYS A 97 11.96 -26.74 14.39
CA LYS A 97 11.39 -27.98 14.96
C LYS A 97 9.97 -27.77 15.52
N HIS A 98 9.72 -26.59 16.09
CA HIS A 98 8.42 -26.27 16.68
C HIS A 98 7.51 -25.43 15.76
N ASP A 99 7.75 -25.55 14.46
CA ASP A 99 6.93 -24.92 13.40
C ASP A 99 6.91 -23.40 13.43
N VAL A 100 7.94 -22.77 14.00
CA VAL A 100 8.03 -21.31 14.00
C VAL A 100 8.50 -20.84 12.63
N PRO A 101 7.75 -19.92 11.98
CA PRO A 101 8.18 -19.46 10.67
C PRO A 101 9.55 -18.79 10.69
N ILE A 102 10.44 -19.22 9.80
CA ILE A 102 11.78 -18.64 9.68
C ILE A 102 11.81 -17.79 8.42
N ASP A 103 11.83 -16.47 8.58
CA ASP A 103 11.75 -15.55 7.43
C ASP A 103 13.10 -15.41 6.73
N TYR A 104 14.18 -15.42 7.50
CA TYR A 104 15.53 -15.26 6.97
C TYR A 104 16.55 -15.92 7.89
N GLU A 105 17.59 -16.51 7.29
CA GLU A 105 18.67 -17.15 8.02
C GLU A 105 19.91 -17.08 7.14
N ASP A 106 20.95 -16.36 7.57
CA ASP A 106 22.18 -16.28 6.75
C ASP A 106 23.05 -17.52 6.93
N GLU A 107 24.02 -17.68 6.04
CA GLU A 107 24.94 -18.82 6.09
C GLU A 107 25.93 -18.72 7.26
N SER A 108 26.26 -17.50 7.67
CA SER A 108 27.36 -17.29 8.62
C SER A 108 27.00 -17.58 10.07
N GLY A 109 25.71 -17.43 10.41
CA GLY A 109 25.22 -17.60 11.79
C GLY A 109 25.13 -16.30 12.56
N PHE A 110 25.27 -15.17 11.86
CA PHE A 110 25.23 -13.85 12.50
C PHE A 110 23.80 -13.40 12.80
N MET A 111 22.89 -13.71 11.88
CA MET A 111 21.57 -13.08 11.87
C MET A 111 20.49 -14.00 11.33
N ALA A 112 19.29 -13.92 11.93
CA ALA A 112 18.12 -14.58 11.40
C ALA A 112 16.90 -13.78 11.77
N PHE A 113 15.82 -14.01 11.03
CA PHE A 113 14.53 -13.42 11.37
C PHE A 113 13.51 -14.53 11.52
N VAL A 114 12.79 -14.50 12.64
CA VAL A 114 11.70 -15.42 12.92
C VAL A 114 10.42 -14.62 13.20
N VAL A 115 9.28 -15.29 13.12
CA VAL A 115 7.98 -14.64 13.24
C VAL A 115 7.22 -15.18 14.44
N ASP A 116 6.71 -14.28 15.29
CA ASP A 116 5.98 -14.69 16.48
C ASP A 116 4.54 -15.07 16.11
N PRO A 117 3.77 -15.62 17.07
CA PRO A 117 2.45 -16.15 16.71
C PRO A 117 1.47 -15.13 16.12
N ASP A 118 1.70 -13.84 16.36
CA ASP A 118 0.84 -12.79 15.81
C ASP A 118 1.38 -12.15 14.52
N GLY A 119 2.57 -12.55 14.09
CA GLY A 119 3.15 -12.01 12.86
C GLY A 119 4.21 -10.92 13.05
N TYR A 120 4.57 -10.63 14.29
CA TYR A 120 5.65 -9.69 14.55
C TYR A 120 6.99 -10.35 14.24
N TYR A 121 7.94 -9.54 13.77
CA TYR A 121 9.28 -10.03 13.47
C TYR A 121 10.23 -9.90 14.65
N ILE A 122 11.07 -10.92 14.82
CA ILE A 122 12.12 -10.90 15.82
CA ILE A 122 12.11 -10.92 15.83
C ILE A 122 13.44 -11.18 15.11
N GLU A 123 14.43 -10.32 15.36
CA GLU A 123 15.77 -10.49 14.83
C GLU A 123 16.64 -11.17 15.86
N LEU A 124 17.19 -12.32 15.48
CA LEU A 124 18.13 -13.05 16.30
C LEU A 124 19.54 -12.73 15.84
N LEU A 125 20.37 -12.27 16.77
CA LEU A 125 21.72 -11.86 16.45
C LEU A 125 22.74 -12.57 17.32
N ASN A 126 23.84 -12.99 16.73
CA ASN A 126 24.97 -13.43 17.53
C ASN A 126 25.53 -12.21 18.27
N GLU A 127 25.37 -12.19 19.58
CA GLU A 127 25.59 -10.96 20.33
C GLU A 127 27.05 -10.57 20.35
N LYS A 128 27.92 -11.57 20.44
CA LYS A 128 29.36 -11.35 20.44
C LYS A 128 29.74 -10.53 19.21
N THR A 129 29.43 -11.09 18.03
CA THR A 129 29.77 -10.47 16.75
C THR A 129 29.14 -9.08 16.64
N MET A 130 27.86 -8.97 17.02
CA MET A 130 27.17 -7.68 16.97
C MET A 130 27.89 -6.59 17.78
N MET A 131 28.37 -6.95 18.97
CA MET A 131 28.99 -5.98 19.85
C MET A 131 30.42 -5.61 19.40
N GLU A 132 31.15 -6.58 18.85
CA GLU A 132 32.45 -6.30 18.25
C GLU A 132 32.28 -5.26 17.14
N LYS A 133 31.31 -5.49 16.26
CA LYS A 133 31.01 -4.58 15.15
C LYS A 133 30.57 -3.22 15.66
N ALA A 134 29.62 -3.19 16.60
CA ALA A 134 29.18 -1.92 17.17
C ALA A 134 30.35 -1.13 17.76
N GLU A 135 31.22 -1.81 18.50
CA GLU A 135 32.37 -1.15 19.10
C GLU A 135 33.29 -0.53 18.03
N ALA A 136 33.64 -1.32 17.01
CA ALA A 136 34.52 -0.84 15.94
C ALA A 136 33.89 0.34 15.20
N ASP A 137 32.59 0.25 14.94
CA ASP A 137 31.89 1.33 14.25
C ASP A 137 31.94 2.62 15.09
N MET A 138 31.70 2.50 16.40
CA MET A 138 31.71 3.67 17.29
C MET A 138 33.09 4.33 17.32
N LYS A 139 34.14 3.52 17.39
CA LYS A 139 35.49 4.06 17.42
C LYS A 139 35.84 4.77 16.10
N GLU A 140 35.55 4.11 14.98
CA GLU A 140 35.72 4.72 13.65
C GLU A 140 34.92 6.03 13.50
N GLN A 141 33.69 6.05 13.98
CA GLN A 141 32.82 7.21 13.81
C GLN A 141 33.01 8.29 14.89
N GLY A 142 33.88 8.04 15.87
CA GLY A 142 34.22 9.04 16.89
C GLY A 142 33.15 9.27 17.96
N THR A 143 32.32 8.27 18.21
CA THR A 143 31.26 8.38 19.21
C THR A 143 31.64 7.64 20.50
N ALA A 144 32.44 6.58 20.36
CA ALA A 144 33.09 5.96 21.51
C ALA A 144 34.07 6.94 22.12
N SER B 6 22.54 -17.57 27.77
CA SER B 6 22.56 -16.08 28.00
C SER B 6 22.03 -15.27 26.82
N ARG B 7 20.96 -14.49 27.08
CA ARG B 7 20.27 -13.73 26.04
C ARG B 7 19.90 -12.32 26.53
N ARG B 8 19.81 -11.38 25.61
CA ARG B 8 19.54 -10.00 25.99
C ARG B 8 18.77 -9.24 24.93
N MET B 9 17.82 -8.43 25.37
CA MET B 9 17.14 -7.53 24.49
C MET B 9 18.12 -6.44 24.01
N LEU B 10 18.38 -6.37 22.71
CA LEU B 10 19.39 -5.45 22.16
C LEU B 10 18.83 -4.12 21.66
N HIS B 11 17.74 -4.19 20.92
CA HIS B 11 17.14 -2.99 20.41
C HIS B 11 15.73 -3.21 19.86
N THR B 12 15.06 -2.09 19.63
CA THR B 12 13.80 -2.06 18.93
C THR B 12 13.98 -1.21 17.67
N MET B 13 13.49 -1.69 16.53
CA MET B 13 13.64 -0.97 15.25
C MET B 13 12.34 -0.38 14.75
N ILE B 14 12.39 0.89 14.35
CA ILE B 14 11.27 1.55 13.67
C ILE B 14 11.75 2.22 12.38
N ARG B 15 10.84 2.33 11.40
CA ARG B 15 11.19 2.95 10.13
C ARG B 15 10.77 4.45 10.16
N VAL B 16 11.62 5.31 9.65
CA VAL B 16 11.38 6.76 9.69
C VAL B 16 11.47 7.36 8.29
N GLY B 17 10.64 8.39 8.04
CA GLY B 17 10.61 9.05 6.75
C GLY B 17 11.70 10.06 6.48
N ASP B 18 12.16 10.77 7.53
CA ASP B 18 13.16 11.84 7.41
C ASP B 18 14.15 11.51 8.55
N LEU B 19 15.31 11.00 8.19
CA LEU B 19 16.24 10.48 9.18
C LEU B 19 16.73 11.59 10.12
N ASP B 20 17.10 12.73 9.57
CA ASP B 20 17.68 13.81 10.39
C ASP B 20 16.64 14.39 11.33
N ARG B 21 15.38 14.44 10.89
CA ARG B 21 14.31 14.96 11.73
C ARG B 21 14.08 14.06 12.94
N SER B 22 14.09 12.75 12.67
CA SER B 22 13.98 11.76 13.73
C SER B 22 15.13 11.83 14.71
N ILE B 23 16.36 11.85 14.19
CA ILE B 23 17.53 11.97 15.05
C ILE B 23 17.44 13.21 15.95
N LYS B 24 17.03 14.34 15.37
CA LYS B 24 16.87 15.57 16.14
C LYS B 24 15.89 15.41 17.29
N PHE B 25 14.75 14.78 17.03
CA PHE B 25 13.77 14.53 18.09
C PHE B 25 14.34 13.65 19.23
N TYR B 26 14.90 12.50 18.87
CA TYR B 26 15.36 11.55 19.88
C TYR B 26 16.55 12.09 20.68
N THR B 27 17.42 12.87 20.03
CA THR B 27 18.54 13.49 20.73
C THR B 27 18.13 14.76 21.50
N GLU B 28 17.52 15.74 20.83
CA GLU B 28 17.29 17.06 21.44
C GLU B 28 16.09 17.04 22.41
N ARG B 29 15.06 16.27 22.08
CA ARG B 29 13.84 16.25 22.87
C ARG B 29 13.85 15.14 23.91
N LEU B 30 14.45 13.99 23.60
CA LEU B 30 14.52 12.87 24.55
C LEU B 30 15.89 12.62 25.20
N GLY B 31 16.94 13.31 24.75
CA GLY B 31 18.27 13.18 25.39
C GLY B 31 19.04 11.91 25.06
N MET B 32 18.68 11.22 23.98
CA MET B 32 19.51 10.11 23.52
C MET B 32 20.75 10.64 22.80
N LYS B 33 21.71 9.75 22.59
CA LYS B 33 22.91 10.06 21.84
C LYS B 33 22.97 9.14 20.64
N VAL B 34 23.47 9.64 19.53
CA VAL B 34 23.73 8.80 18.37
C VAL B 34 24.94 7.90 18.68
N LEU B 35 24.77 6.60 18.47
CA LEU B 35 25.79 5.60 18.81
C LEU B 35 26.63 5.29 17.58
N ARG B 36 25.95 5.06 16.46
CA ARG B 36 26.61 4.77 15.21
C ARG B 36 25.58 4.79 14.08
N LYS B 37 26.09 4.93 12.87
CA LYS B 37 25.28 4.81 11.68
C LYS B 37 25.84 3.71 10.79
N TRP B 38 24.95 3.17 9.97
CA TRP B 38 25.32 2.15 9.01
C TRP B 38 24.53 2.32 7.74
N ASP B 39 25.18 2.92 6.74
CA ASP B 39 24.54 3.14 5.44
C ASP B 39 24.72 1.92 4.55
N VAL B 40 23.64 1.48 3.90
CA VAL B 40 23.71 0.38 2.95
C VAL B 40 23.08 0.84 1.63
N PRO B 41 23.82 1.66 0.85
CA PRO B 41 23.26 2.16 -0.41
C PRO B 41 22.90 1.09 -1.42
N GLU B 42 23.66 0.00 -1.45
CA GLU B 42 23.36 -1.10 -2.36
C GLU B 42 21.97 -1.71 -2.10
N ASP B 43 21.47 -1.63 -0.86
CA ASP B 43 20.08 -2.06 -0.56
C ASP B 43 19.17 -0.90 -0.20
N LYS B 44 19.59 0.32 -0.50
CA LYS B 44 18.74 1.51 -0.41
C LYS B 44 18.17 1.77 1.01
N TYR B 45 19.01 1.59 2.03
CA TYR B 45 18.63 2.01 3.37
C TYR B 45 19.81 2.47 4.20
N THR B 46 19.48 3.25 5.23
CA THR B 46 20.43 3.72 6.24
C THR B 46 19.88 3.36 7.62
N LEU B 47 20.74 2.82 8.47
CA LEU B 47 20.44 2.56 9.88
C LEU B 47 21.17 3.56 10.76
N VAL B 48 20.49 3.99 11.82
CA VAL B 48 21.14 4.73 12.91
C VAL B 48 20.72 4.14 14.26
N PHE B 49 21.68 3.97 15.18
CA PHE B 49 21.38 3.51 16.54
C PHE B 49 21.50 4.67 17.50
N LEU B 50 20.51 4.79 18.38
CA LEU B 50 20.46 5.82 19.40
C LEU B 50 20.07 5.21 20.73
N GLY B 51 20.57 5.77 21.81
CA GLY B 51 20.19 5.26 23.12
C GLY B 51 20.78 6.09 24.22
N TYR B 52 20.58 5.64 25.46
CA TYR B 52 21.09 6.33 26.63
C TYR B 52 22.44 5.78 27.07
N GLY B 53 22.85 4.68 26.47
CA GLY B 53 24.20 4.16 26.62
C GLY B 53 24.52 3.33 25.39
N PRO B 54 25.74 2.77 25.34
CA PRO B 54 26.13 2.01 24.16
C PRO B 54 25.45 0.65 24.09
N GLU B 55 25.39 0.08 22.90
CA GLU B 55 24.69 -1.19 22.71
C GLU B 55 25.26 -2.30 23.58
N MET B 56 26.52 -2.19 23.96
CA MET B 56 27.19 -3.20 24.76
C MET B 56 26.60 -3.33 26.18
N SER B 57 25.97 -2.27 26.68
CA SER B 57 25.42 -2.29 28.04
C SER B 57 23.99 -1.76 28.14
N SER B 58 23.40 -1.35 27.02
CA SER B 58 22.04 -0.82 26.96
C SER B 58 21.23 -1.49 25.88
N THR B 59 19.91 -1.45 26.06
CA THR B 59 18.96 -1.73 25.01
C THR B 59 18.65 -0.40 24.34
N VAL B 60 18.66 -0.38 23.01
CA VAL B 60 18.67 0.89 22.28
C VAL B 60 17.59 0.98 21.19
N LEU B 61 17.57 2.10 20.48
CA LEU B 61 16.61 2.35 19.42
C LEU B 61 17.31 2.31 18.07
N GLU B 62 16.79 1.52 17.14
CA GLU B 62 17.31 1.48 15.77
C GLU B 62 16.32 2.18 14.84
N LEU B 63 16.78 3.22 14.16
CA LEU B 63 16.01 3.88 13.08
C LEU B 63 16.48 3.38 11.71
N THR B 64 15.51 3.12 10.83
CA THR B 64 15.76 2.69 9.45
C THR B 64 15.10 3.70 8.53
N TYR B 65 15.91 4.30 7.66
CA TYR B 65 15.44 5.16 6.59
C TYR B 65 15.58 4.37 5.27
N ASN B 66 14.47 4.20 4.55
CA ASN B 66 14.47 3.54 3.23
C ASN B 66 14.46 4.60 2.13
N TYR B 67 15.43 4.54 1.19
CA TYR B 67 15.63 5.65 0.28
C TYR B 67 14.31 5.92 -0.44
N GLY B 68 13.89 7.18 -0.47
CA GLY B 68 12.68 7.55 -1.19
C GLY B 68 11.36 7.29 -0.51
N VAL B 69 11.37 6.69 0.68
CA VAL B 69 10.14 6.46 1.42
C VAL B 69 10.01 7.56 2.46
N THR B 70 9.04 8.45 2.24
CA THR B 70 9.01 9.72 2.96
C THR B 70 8.16 9.71 4.22
N SER B 71 7.35 8.65 4.43
CA SER B 71 6.38 8.61 5.51
C SER B 71 5.83 7.20 5.64
N TYR B 72 5.27 6.89 6.82
CA TYR B 72 4.71 5.58 7.12
C TYR B 72 3.30 5.67 7.73
N LYS B 73 2.50 4.65 7.50
CA LYS B 73 1.16 4.47 8.07
C LYS B 73 1.32 3.53 9.25
N HIS B 74 0.61 3.78 10.33
CA HIS B 74 0.68 2.92 11.53
C HIS B 74 -0.51 1.99 11.63
N ASP B 75 -0.24 0.75 12.01
CA ASP B 75 -1.26 -0.27 12.25
C ASP B 75 -1.82 -0.14 13.66
N GLU B 76 -2.74 -1.02 14.00
CA GLU B 76 -3.26 -1.08 15.36
C GLU B 76 -2.58 -2.18 16.18
N ALA B 77 -1.42 -2.65 15.70
CA ALA B 77 -0.73 -3.79 16.31
C ALA B 77 0.42 -3.32 17.21
N TYR B 78 1.48 -2.76 16.62
CA TYR B 78 2.59 -2.21 17.41
C TYR B 78 2.10 -1.13 18.37
N GLY B 79 2.60 -1.18 19.60
CA GLY B 79 2.19 -0.25 20.63
C GLY B 79 3.06 0.98 20.75
N HIS B 80 4.18 0.82 21.44
CA HIS B 80 5.03 1.95 21.80
C HIS B 80 6.33 1.46 22.45
N ILE B 81 7.26 2.39 22.59
CA ILE B 81 8.37 2.23 23.52
C ILE B 81 8.10 3.11 24.73
N ALA B 82 8.54 2.63 25.90
CA ALA B 82 8.44 3.39 27.13
C ALA B 82 9.80 3.77 27.68
N ILE B 83 9.93 5.03 28.10
CA ILE B 83 11.19 5.56 28.61
C ILE B 83 10.95 6.05 30.03
N GLY B 84 11.81 5.60 30.93
CA GLY B 84 11.79 6.02 32.33
C GLY B 84 12.59 7.29 32.50
N VAL B 85 12.00 8.26 33.18
CA VAL B 85 12.61 9.58 33.40
C VAL B 85 12.42 10.06 34.85
N GLU B 86 13.09 11.16 35.17
CA GLU B 86 13.09 11.72 36.51
C GLU B 86 11.86 12.59 36.78
N ASP B 87 11.44 13.36 35.77
CA ASP B 87 10.35 14.32 35.94
C ASP B 87 9.48 14.39 34.68
N VAL B 88 8.37 13.66 34.67
CA VAL B 88 7.50 13.61 33.50
C VAL B 88 6.88 14.98 33.19
N LYS B 89 6.37 15.67 34.21
CA LYS B 89 5.78 17.00 34.03
CA LYS B 89 5.76 17.00 34.00
C LYS B 89 6.73 17.98 33.29
N GLU B 90 7.97 18.03 33.76
CA GLU B 90 8.97 18.94 33.19
C GLU B 90 9.30 18.57 31.73
N LEU B 91 9.45 17.27 31.48
CA LEU B 91 9.79 16.78 30.15
C LEU B 91 8.66 17.07 29.16
N VAL B 92 7.43 16.83 29.58
CA VAL B 92 6.25 17.13 28.76
C VAL B 92 6.17 18.64 28.48
N ALA B 93 6.43 19.46 29.50
CA ALA B 93 6.43 20.91 29.31
C ALA B 93 7.42 21.33 28.23
N ASP B 94 8.60 20.73 28.25
CA ASP B 94 9.65 21.00 27.26
C ASP B 94 9.24 20.52 25.86
N MET B 95 8.59 19.37 25.79
CA MET B 95 8.03 18.88 24.53
C MET B 95 7.00 19.82 23.92
N ARG B 96 6.02 20.25 24.74
CA ARG B 96 5.00 21.20 24.28
C ARG B 96 5.62 22.49 23.76
N LYS B 97 6.61 22.99 24.51
CA LYS B 97 7.35 24.18 24.13
C LYS B 97 7.90 24.06 22.72
N HIS B 98 8.26 22.83 22.36
CA HIS B 98 8.81 22.54 21.05
C HIS B 98 7.80 21.89 20.12
N ASP B 99 6.51 22.09 20.41
CA ASP B 99 5.43 21.68 19.50
C ASP B 99 5.31 20.18 19.22
N VAL B 100 5.85 19.36 20.11
CA VAL B 100 5.66 17.91 19.99
C VAL B 100 4.22 17.63 20.41
N PRO B 101 3.45 16.83 19.62
CA PRO B 101 2.11 16.48 20.06
C PRO B 101 2.09 15.67 21.35
N ILE B 102 1.24 16.07 22.29
CA ILE B 102 1.06 15.36 23.54
C ILE B 102 -0.30 14.66 23.48
N ASP B 103 -0.27 13.34 23.44
CA ASP B 103 -1.49 12.53 23.36
C ASP B 103 -2.20 12.41 24.71
N TYR B 104 -1.41 12.30 25.78
CA TYR B 104 -1.95 12.07 27.11
C TYR B 104 -0.99 12.51 28.19
N GLU B 105 -1.51 13.16 29.22
CA GLU B 105 -0.71 13.57 30.37
C GLU B 105 -1.59 13.38 31.61
N ASP B 106 -1.14 12.61 32.59
CA ASP B 106 -1.93 12.39 33.80
C ASP B 106 -1.71 13.56 34.76
N GLU B 107 -2.41 13.56 35.89
CA GLU B 107 -2.33 14.67 36.84
C GLU B 107 -1.11 14.56 37.76
N SER B 108 -0.72 13.34 38.10
CA SER B 108 0.24 13.11 39.18
C SER B 108 1.69 13.12 38.69
N GLY B 109 1.88 13.10 37.38
CA GLY B 109 3.22 13.07 36.82
C GLY B 109 3.81 11.66 36.71
N PHE B 110 2.94 10.65 36.75
CA PHE B 110 3.39 9.26 36.61
C PHE B 110 3.66 8.91 35.13
N MET B 111 2.76 9.36 34.25
CA MET B 111 2.68 8.83 32.88
C MET B 111 2.26 9.91 31.89
N ALA B 112 2.84 9.84 30.70
CA ALA B 112 2.37 10.62 29.55
C ALA B 112 2.67 9.86 28.28
N PHE B 113 1.95 10.22 27.22
CA PHE B 113 2.21 9.72 25.88
C PHE B 113 2.43 10.90 24.95
N VAL B 114 3.51 10.84 24.19
CA VAL B 114 3.82 11.83 23.17
C VAL B 114 4.03 11.17 21.82
N VAL B 115 3.95 11.97 20.76
CA VAL B 115 4.05 11.45 19.39
C VAL B 115 5.34 11.92 18.72
N ASP B 116 6.11 10.97 18.17
CA ASP B 116 7.33 11.32 17.48
C ASP B 116 7.02 11.86 16.06
N PRO B 117 8.06 12.37 15.36
CA PRO B 117 7.82 13.01 14.06
C PRO B 117 7.19 12.11 12.99
N ASP B 118 7.34 10.80 13.14
CA ASP B 118 6.74 9.85 12.20
C ASP B 118 5.43 9.28 12.67
N GLY B 119 4.94 9.75 13.80
CA GLY B 119 3.61 9.35 14.29
C GLY B 119 3.60 8.17 15.24
N TYR B 120 4.77 7.70 15.66
CA TYR B 120 4.85 6.63 16.68
C TYR B 120 4.61 7.21 18.07
N TYR B 121 4.11 6.37 18.97
CA TYR B 121 3.85 6.78 20.35
C TYR B 121 5.00 6.41 21.26
N ILE B 122 5.31 7.34 22.16
CA ILE B 122 6.32 7.13 23.18
CA ILE B 122 6.34 7.16 23.18
C ILE B 122 5.68 7.36 24.54
N GLU B 123 5.82 6.37 25.42
CA GLU B 123 5.28 6.46 26.76
C GLU B 123 6.38 6.96 27.67
N LEU B 124 6.08 8.03 28.40
CA LEU B 124 7.00 8.54 29.41
C LEU B 124 6.49 8.16 30.79
N LEU B 125 7.38 7.56 31.59
CA LEU B 125 7.06 7.08 32.91
C LEU B 125 8.03 7.63 33.93
N ASN B 126 7.52 7.95 35.13
CA ASN B 126 8.39 8.26 36.23
C ASN B 126 9.06 6.95 36.63
N GLU B 127 10.37 6.85 36.44
CA GLU B 127 11.08 5.58 36.61
C GLU B 127 11.01 5.06 38.03
N LYS B 128 11.15 5.95 39.01
CA LYS B 128 11.14 5.57 40.44
C LYS B 128 9.80 4.94 40.82
N THR B 129 8.71 5.63 40.48
CA THR B 129 7.37 5.10 40.76
C THR B 129 7.08 3.79 40.00
N MET B 130 7.49 3.72 38.74
CA MET B 130 7.25 2.52 37.95
C MET B 130 7.97 1.31 38.52
N MET B 131 9.21 1.50 38.94
CA MET B 131 10.03 0.41 39.46
C MET B 131 9.51 -0.04 40.82
N GLU B 132 9.11 0.92 41.65
CA GLU B 132 8.50 0.57 42.95
C GLU B 132 7.26 -0.30 42.74
N LYS B 133 6.43 0.09 41.77
CA LYS B 133 5.20 -0.64 41.46
C LYS B 133 5.50 -2.03 40.91
N ALA B 134 6.44 -2.09 39.97
CA ALA B 134 6.80 -3.33 39.30
C ALA B 134 7.32 -4.35 40.32
N GLU B 135 8.27 -3.95 41.16
CA GLU B 135 8.80 -4.83 42.19
C GLU B 135 7.70 -5.30 43.13
N ALA B 136 6.81 -4.38 43.54
CA ALA B 136 5.72 -4.71 44.44
C ALA B 136 4.80 -5.78 43.83
N ASP B 137 4.40 -5.57 42.59
CA ASP B 137 3.56 -6.54 41.87
C ASP B 137 4.24 -7.91 41.63
N MET B 138 5.55 -7.90 41.36
CA MET B 138 6.33 -9.17 41.31
C MET B 138 6.28 -9.91 42.64
N LYS B 139 6.46 -9.16 43.72
CA LYS B 139 6.43 -9.75 45.06
C LYS B 139 5.03 -10.29 45.39
N GLU B 140 3.99 -9.57 44.99
CA GLU B 140 2.62 -10.06 45.15
C GLU B 140 2.33 -11.31 44.30
N GLN B 141 2.93 -11.40 43.11
CA GLN B 141 2.65 -12.49 42.17
C GLN B 141 3.64 -13.68 42.22
N GLY B 142 4.65 -13.60 43.09
CA GLY B 142 5.54 -14.74 43.36
C GLY B 142 6.76 -14.84 42.46
N THR B 143 7.06 -13.78 41.72
CA THR B 143 8.20 -13.77 40.79
C THR B 143 9.41 -13.01 41.39
N ALA B 144 9.20 -12.41 42.55
CA ALA B 144 10.28 -11.76 43.30
C ALA B 144 9.99 -11.86 44.79
N SER C 6 -20.00 27.87 -16.42
CA SER C 6 -18.65 28.24 -15.94
C SER C 6 -18.23 27.41 -14.72
N ARG C 7 -16.95 27.05 -14.72
CA ARG C 7 -16.41 26.11 -13.76
C ARG C 7 -15.02 26.58 -13.36
N ARG C 8 -14.58 26.16 -12.19
CA ARG C 8 -13.31 26.60 -11.65
C ARG C 8 -12.73 25.55 -10.72
N MET C 9 -11.42 25.41 -10.81
CA MET C 9 -10.67 24.56 -9.92
C MET C 9 -10.58 25.28 -8.59
N LEU C 10 -11.13 24.69 -7.53
CA LEU C 10 -11.23 25.37 -6.22
C LEU C 10 -10.12 25.06 -5.26
N HIS C 11 -9.81 23.78 -5.12
CA HIS C 11 -8.74 23.40 -4.25
C HIS C 11 -8.29 21.95 -4.47
N THR C 12 -7.16 21.65 -3.86
CA THR C 12 -6.64 20.30 -3.75
C THR C 12 -6.59 19.98 -2.26
N MET C 13 -7.03 18.76 -1.89
CA MET C 13 -7.05 18.32 -0.50
C MET C 13 -6.02 17.22 -0.27
N ILE C 14 -5.29 17.36 0.84
CA ILE C 14 -4.41 16.32 1.37
C ILE C 14 -4.63 16.13 2.87
N ARG C 15 -4.41 14.89 3.34
CA ARG C 15 -4.56 14.59 4.74
C ARG C 15 -3.20 14.72 5.41
N VAL C 16 -3.21 15.24 6.64
CA VAL C 16 -1.99 15.52 7.37
C VAL C 16 -2.06 14.93 8.77
N GLY C 17 -0.91 14.51 9.29
CA GLY C 17 -0.83 13.88 10.59
C GLY C 17 -0.80 14.80 11.79
N ASP C 18 -0.23 15.99 11.62
CA ASP C 18 -0.06 16.99 12.70
C ASP C 18 -0.43 18.31 12.03
N LEU C 19 -1.63 18.79 12.34
CA LEU C 19 -2.19 19.97 11.66
C LEU C 19 -1.34 21.23 11.86
N ASP C 20 -0.92 21.48 13.11
CA ASP C 20 -0.14 22.68 13.39
C ASP C 20 1.22 22.65 12.65
N ARG C 21 1.82 21.47 12.55
CA ARG C 21 3.10 21.33 11.86
C ARG C 21 2.96 21.62 10.36
N SER C 22 1.89 21.12 9.76
CA SER C 22 1.65 21.34 8.33
C SER C 22 1.34 22.82 8.10
N ILE C 23 0.52 23.42 8.96
CA ILE C 23 0.20 24.84 8.82
C ILE C 23 1.46 25.69 8.89
N LYS C 24 2.35 25.37 9.84
CA LYS C 24 3.59 26.13 9.99
C LYS C 24 4.47 26.08 8.73
N PHE C 25 4.57 24.90 8.13
CA PHE C 25 5.30 24.71 6.88
C PHE C 25 4.68 25.55 5.73
N TYR C 26 3.39 25.39 5.50
CA TYR C 26 2.77 26.05 4.37
C TYR C 26 2.78 27.59 4.54
N THR C 27 2.66 28.06 5.78
CA THR C 27 2.69 29.50 6.04
C THR C 27 4.13 30.05 6.09
N GLU C 28 4.96 29.50 6.97
CA GLU C 28 6.27 30.07 7.21
C GLU C 28 7.27 29.71 6.13
N ARG C 29 7.15 28.52 5.54
CA ARG C 29 8.12 28.10 4.49
C ARG C 29 7.68 28.48 3.08
N LEU C 30 6.38 28.40 2.80
CA LEU C 30 5.86 28.67 1.47
C LEU C 30 5.13 30.01 1.28
N GLY C 31 4.83 30.70 2.37
CA GLY C 31 4.26 32.03 2.29
C GLY C 31 2.76 32.06 2.06
N MET C 32 2.07 30.94 2.28
CA MET C 32 0.60 30.93 2.24
C MET C 32 0.00 31.55 3.49
N LYS C 33 -1.26 31.96 3.40
CA LYS C 33 -1.98 32.32 4.62
C LYS C 33 -3.12 31.34 4.92
N VAL C 34 -3.41 31.21 6.21
CA VAL C 34 -4.60 30.53 6.68
C VAL C 34 -5.81 31.42 6.33
N LEU C 35 -6.71 30.83 5.57
CA LEU C 35 -7.93 31.49 5.08
C LEU C 35 -9.05 31.23 6.05
N ARG C 36 -9.25 29.97 6.40
CA ARG C 36 -10.23 29.59 7.40
C ARG C 36 -10.03 28.16 7.85
N LYS C 37 -10.58 27.88 9.02
CA LYS C 37 -10.63 26.53 9.57
C LYS C 37 -12.07 26.08 9.68
N TRP C 38 -12.25 24.76 9.71
CA TRP C 38 -13.60 24.17 9.81
C TRP C 38 -13.46 22.86 10.61
N ASP C 39 -13.74 22.93 11.91
CA ASP C 39 -13.61 21.76 12.77
C ASP C 39 -14.92 20.99 12.77
N VAL C 40 -14.83 19.66 12.81
CA VAL C 40 -16.00 18.80 12.78
C VAL C 40 -15.80 17.66 13.80
N PRO C 41 -15.89 17.97 15.11
CA PRO C 41 -15.68 16.95 16.13
C PRO C 41 -16.60 15.71 16.01
N GLU C 42 -17.83 15.90 15.56
CA GLU C 42 -18.81 14.81 15.48
C GLU C 42 -18.40 13.75 14.44
N ASP C 43 -17.57 14.14 13.47
CA ASP C 43 -17.03 13.22 12.48
C ASP C 43 -15.52 13.10 12.63
N LYS C 44 -14.99 13.57 13.75
CA LYS C 44 -13.58 13.37 14.10
C LYS C 44 -12.60 13.91 13.07
N TYR C 45 -12.90 15.08 12.51
CA TYR C 45 -11.89 15.74 11.67
C TYR C 45 -11.90 17.27 11.72
N THR C 46 -10.79 17.85 11.26
CA THR C 46 -10.60 19.29 11.18
C THR C 46 -10.05 19.62 9.80
N LEU C 47 -10.63 20.65 9.19
CA LEU C 47 -10.14 21.16 7.92
C LEU C 47 -9.50 22.54 8.12
N VAL C 48 -8.48 22.79 7.33
CA VAL C 48 -7.89 24.12 7.20
C VAL C 48 -7.63 24.43 5.73
N PHE C 49 -8.06 25.61 5.31
CA PHE C 49 -7.80 26.10 3.96
C PHE C 49 -6.68 27.14 4.00
N LEU C 50 -5.69 26.96 3.12
CA LEU C 50 -4.49 27.78 3.03
C LEU C 50 -4.29 28.18 1.57
N GLY C 51 -3.80 29.39 1.33
CA GLY C 51 -3.50 29.82 -0.03
C GLY C 51 -2.80 31.15 -0.13
N TYR C 52 -2.56 31.57 -1.37
CA TYR C 52 -1.95 32.87 -1.67
C TYR C 52 -2.98 33.95 -1.92
N GLY C 53 -4.25 33.55 -1.98
CA GLY C 53 -5.36 34.47 -1.94
C GLY C 53 -6.62 33.74 -1.50
N PRO C 54 -7.72 34.49 -1.31
CA PRO C 54 -8.93 33.84 -0.80
C PRO C 54 -9.53 32.88 -1.81
N GLU C 55 -10.35 31.97 -1.32
CA GLU C 55 -10.98 30.96 -2.17
C GLU C 55 -11.83 31.58 -3.29
N MET C 56 -12.36 32.78 -3.04
CA MET C 56 -13.21 33.47 -3.99
C MET C 56 -12.48 33.80 -5.30
N SER C 57 -11.16 33.97 -5.24
CA SER C 57 -10.39 34.40 -6.41
C SER C 57 -9.12 33.55 -6.69
N SER C 58 -8.85 32.53 -5.87
CA SER C 58 -7.68 31.68 -6.02
C SER C 58 -8.05 30.21 -5.89
N THR C 59 -7.16 29.36 -6.34
CA THR C 59 -7.23 27.93 -6.08
C THR C 59 -6.30 27.64 -4.91
N VAL C 60 -6.78 26.87 -3.93
CA VAL C 60 -6.09 26.80 -2.66
C VAL C 60 -5.80 25.34 -2.23
N LEU C 61 -5.29 25.22 -1.02
CA LEU C 61 -4.92 23.93 -0.44
C LEU C 61 -5.81 23.68 0.76
N GLU C 62 -6.45 22.52 0.79
CA GLU C 62 -7.23 22.09 1.94
C GLU C 62 -6.45 21.01 2.68
N LEU C 63 -6.19 21.22 3.96
CA LEU C 63 -5.61 20.18 4.83
C LEU C 63 -6.70 19.53 5.66
N THR C 64 -6.67 18.21 5.72
CA THR C 64 -7.60 17.41 6.55
C THR C 64 -6.79 16.73 7.65
N TYR C 65 -7.11 16.98 8.92
CA TYR C 65 -6.63 16.18 10.04
C TYR C 65 -7.72 15.25 10.56
N ASN C 66 -7.45 13.94 10.56
CA ASN C 66 -8.33 12.95 11.16
C ASN C 66 -7.89 12.65 12.59
N TYR C 67 -8.82 12.77 13.54
CA TYR C 67 -8.46 12.70 14.97
C TYR C 67 -7.79 11.34 15.24
N GLY C 68 -6.60 11.39 15.83
CA GLY C 68 -5.88 10.17 16.19
C GLY C 68 -5.13 9.51 15.06
N VAL C 69 -5.15 10.08 13.88
CA VAL C 69 -4.40 9.50 12.79
C VAL C 69 -3.12 10.34 12.62
N THR C 70 -1.99 9.74 12.96
CA THR C 70 -0.77 10.54 13.21
C THR C 70 0.15 10.65 12.01
N SER C 71 -0.12 9.89 10.96
CA SER C 71 0.80 9.80 9.82
C SER C 71 0.15 9.09 8.64
N TYR C 72 0.70 9.30 7.45
CA TYR C 72 0.12 8.73 6.22
C TYR C 72 1.21 8.09 5.34
N LYS C 73 0.85 7.02 4.66
CA LYS C 73 1.72 6.36 3.67
C LYS C 73 1.34 6.90 2.28
N HIS C 74 2.32 7.09 1.40
CA HIS C 74 2.05 7.57 0.05
C HIS C 74 2.11 6.49 -0.99
N ASP C 75 1.16 6.53 -1.91
CA ASP C 75 1.11 5.66 -3.06
C ASP C 75 2.00 6.23 -4.17
N GLU C 76 2.08 5.51 -5.27
CA GLU C 76 2.78 5.97 -6.47
C GLU C 76 1.87 6.67 -7.48
N ALA C 77 0.69 7.13 -7.05
CA ALA C 77 -0.34 7.63 -7.96
C ALA C 77 -0.38 9.14 -7.94
N TYR C 78 -0.77 9.71 -6.79
CA TYR C 78 -0.81 11.15 -6.62
C TYR C 78 0.60 11.69 -6.80
N GLY C 79 0.72 12.80 -7.51
CA GLY C 79 2.02 13.39 -7.83
C GLY C 79 2.47 14.46 -6.87
N HIS C 80 1.94 15.66 -7.06
CA HIS C 80 2.40 16.85 -6.33
C HIS C 80 1.53 18.04 -6.66
N ILE C 81 1.72 19.09 -5.88
CA ILE C 81 1.28 20.43 -6.27
CA ILE C 81 1.26 20.42 -6.25
C ILE C 81 2.47 21.24 -6.72
N ALA C 82 2.26 22.12 -7.71
CA ALA C 82 3.32 23.01 -8.20
C ALA C 82 2.99 24.45 -7.85
N ILE C 83 3.99 25.14 -7.33
CA ILE C 83 3.88 26.53 -6.92
C ILE C 83 4.86 27.36 -7.78
N GLY C 84 4.33 28.43 -8.37
CA GLY C 84 5.14 29.37 -9.12
C GLY C 84 5.72 30.44 -8.21
N VAL C 85 7.02 30.68 -8.34
CA VAL C 85 7.74 31.61 -7.46
C VAL C 85 8.67 32.54 -8.26
N GLU C 86 9.19 33.54 -7.58
CA GLU C 86 10.11 34.48 -8.21
C GLU C 86 11.57 34.01 -8.27
N ASP C 87 12.02 33.23 -7.28
CA ASP C 87 13.43 32.83 -7.19
C ASP C 87 13.53 31.45 -6.51
N VAL C 88 13.56 30.42 -7.34
CA VAL C 88 13.61 29.05 -6.86
C VAL C 88 14.85 28.80 -6.02
N LYS C 89 16.00 29.30 -6.47
CA LYS C 89 17.25 29.04 -5.73
C LYS C 89 17.23 29.63 -4.28
N GLU C 90 16.70 30.84 -4.15
CA GLU C 90 16.59 31.56 -2.88
C GLU C 90 15.64 30.83 -1.93
N LEU C 91 14.50 30.39 -2.48
CA LEU C 91 13.52 29.65 -1.69
C LEU C 91 14.07 28.29 -1.25
N VAL C 92 14.72 27.56 -2.14
CA VAL C 92 15.33 26.27 -1.74
C VAL C 92 16.39 26.48 -0.62
N ALA C 93 17.21 27.51 -0.75
CA ALA C 93 18.19 27.82 0.29
C ALA C 93 17.50 28.05 1.63
N ASP C 94 16.40 28.80 1.60
CA ASP C 94 15.63 29.06 2.83
C ASP C 94 15.02 27.77 3.38
N MET C 95 14.53 26.91 2.49
CA MET C 95 14.03 25.61 2.87
C MET C 95 15.10 24.75 3.55
N ARG C 96 16.28 24.68 2.93
CA ARG C 96 17.40 23.94 3.47
C ARG C 96 17.83 24.47 4.86
N LYS C 97 17.82 25.80 5.00
CA LYS C 97 18.14 26.46 6.27
C LYS C 97 17.25 25.95 7.41
N HIS C 98 15.99 25.65 7.10
CA HIS C 98 15.02 25.16 8.08
C HIS C 98 14.77 23.65 7.96
N ASP C 99 15.75 22.93 7.42
CA ASP C 99 15.81 21.48 7.46
C ASP C 99 14.68 20.79 6.70
N VAL C 100 14.17 21.42 5.66
CA VAL C 100 13.19 20.81 4.75
C VAL C 100 13.94 19.89 3.76
N PRO C 101 13.51 18.62 3.61
CA PRO C 101 14.18 17.76 2.64
C PRO C 101 14.03 18.29 1.23
N ILE C 102 15.16 18.37 0.53
CA ILE C 102 15.21 18.81 -0.88
C ILE C 102 15.45 17.56 -1.71
N ASP C 103 14.43 17.17 -2.45
CA ASP C 103 14.52 15.99 -3.30
C ASP C 103 15.30 16.27 -4.59
N TYR C 104 15.16 17.46 -5.16
CA TYR C 104 15.75 17.78 -6.42
C TYR C 104 15.86 19.28 -6.63
N GLU C 105 16.96 19.72 -7.21
CA GLU C 105 17.18 21.12 -7.55
C GLU C 105 18.05 21.13 -8.81
N ASP C 106 17.57 21.79 -9.86
CA ASP C 106 18.34 21.88 -11.11
C ASP C 106 19.42 22.95 -10.96
N GLU C 107 20.27 23.06 -11.98
CA GLU C 107 21.37 24.03 -11.97
C GLU C 107 20.95 25.46 -12.34
N SER C 108 19.90 25.61 -13.15
CA SER C 108 19.50 26.92 -13.69
C SER C 108 18.51 27.70 -12.82
N GLY C 109 17.90 27.05 -11.84
CA GLY C 109 16.88 27.72 -11.04
C GLY C 109 15.47 27.66 -11.61
N PHE C 110 15.24 26.77 -12.57
CA PHE C 110 13.89 26.57 -13.15
C PHE C 110 12.95 25.79 -12.20
N MET C 111 13.47 24.72 -11.59
CA MET C 111 12.64 23.72 -10.95
C MET C 111 13.34 23.12 -9.74
N ALA C 112 12.56 22.80 -8.73
CA ALA C 112 13.03 22.05 -7.56
C ALA C 112 11.88 21.24 -7.00
N PHE C 113 12.21 20.14 -6.33
CA PHE C 113 11.22 19.40 -5.52
C PHE C 113 11.65 19.38 -4.04
N VAL C 114 10.71 19.71 -3.18
CA VAL C 114 10.86 19.64 -1.73
C VAL C 114 9.77 18.74 -1.12
N VAL C 115 10.02 18.29 0.09
CA VAL C 115 9.13 17.37 0.79
C VAL C 115 8.50 18.08 1.99
N ASP C 116 7.17 18.06 2.07
CA ASP C 116 6.46 18.60 3.21
C ASP C 116 6.55 17.69 4.47
N PRO C 117 6.11 18.19 5.65
CA PRO C 117 6.16 17.41 6.90
C PRO C 117 5.49 16.04 6.89
N ASP C 118 4.48 15.85 6.04
CA ASP C 118 3.81 14.55 5.90
C ASP C 118 4.33 13.67 4.79
N GLY C 119 5.35 14.14 4.05
CA GLY C 119 6.00 13.32 3.03
C GLY C 119 5.52 13.56 1.61
N TYR C 120 4.66 14.56 1.42
CA TYR C 120 4.20 14.92 0.08
C TYR C 120 5.24 15.76 -0.65
N TYR C 121 5.22 15.69 -1.98
CA TYR C 121 6.14 16.46 -2.82
C TYR C 121 5.49 17.74 -3.29
N ILE C 122 6.31 18.80 -3.27
CA ILE C 122 5.90 20.07 -3.83
CA ILE C 122 5.95 20.12 -3.75
C ILE C 122 6.94 20.50 -4.86
N GLU C 123 6.44 20.84 -6.04
CA GLU C 123 7.29 21.32 -7.12
C GLU C 123 7.31 22.84 -7.08
N LEU C 124 8.52 23.40 -7.07
CA LEU C 124 8.73 24.83 -7.14
C LEU C 124 9.24 25.17 -8.51
N LEU C 125 8.58 26.14 -9.16
CA LEU C 125 8.91 26.52 -10.52
C LEU C 125 9.09 28.05 -10.64
N ASN C 126 10.09 28.48 -11.42
CA ASN C 126 10.19 29.89 -11.77
C ASN C 126 8.97 30.24 -12.61
N GLU C 127 8.05 31.01 -12.04
CA GLU C 127 6.75 31.22 -12.68
C GLU C 127 6.92 31.86 -14.06
N LYS C 128 7.80 32.85 -14.15
CA LYS C 128 7.97 33.60 -15.38
C LYS C 128 8.41 32.66 -16.54
N THR C 129 9.42 31.84 -16.28
CA THR C 129 9.94 30.91 -17.29
C THR C 129 8.90 29.84 -17.63
N MET C 130 8.21 29.34 -16.62
CA MET C 130 7.18 28.36 -16.85
C MET C 130 6.07 28.91 -17.75
N MET C 131 5.62 30.14 -17.50
CA MET C 131 4.54 30.74 -18.27
C MET C 131 4.99 31.01 -19.70
N GLU C 132 6.24 31.41 -19.87
CA GLU C 132 6.80 31.61 -21.22
C GLU C 132 6.76 30.31 -22.00
N LYS C 133 7.24 29.25 -21.38
CA LYS C 133 7.21 27.92 -21.98
C LYS C 133 5.78 27.42 -22.24
N ALA C 134 4.89 27.52 -21.26
CA ALA C 134 3.50 27.10 -21.46
C ALA C 134 2.87 27.77 -22.70
N GLU C 135 2.99 29.09 -22.79
CA GLU C 135 2.43 29.83 -23.90
C GLU C 135 3.05 29.49 -25.26
N ALA C 136 4.38 29.33 -25.31
CA ALA C 136 5.07 28.93 -26.54
C ALA C 136 4.60 27.56 -27.03
N ASP C 137 4.41 26.62 -26.11
CA ASP C 137 3.93 25.28 -26.51
C ASP C 137 2.46 25.31 -26.94
N MET C 138 1.64 26.12 -26.26
CA MET C 138 0.23 26.27 -26.65
C MET C 138 0.16 26.76 -28.09
N LYS C 139 0.98 27.75 -28.40
CA LYS C 139 1.04 28.31 -29.75
C LYS C 139 1.49 27.28 -30.80
N GLU C 140 2.56 26.56 -30.50
CA GLU C 140 3.07 25.51 -31.41
C GLU C 140 2.02 24.42 -31.62
N GLN C 141 1.26 24.10 -30.57
CA GLN C 141 0.31 22.99 -30.61
C GLN C 141 -1.10 23.40 -31.02
N GLY C 142 -1.35 24.68 -31.23
CA GLY C 142 -2.61 25.15 -31.82
C GLY C 142 -3.75 25.40 -30.83
N THR C 143 -3.42 25.46 -29.55
CA THR C 143 -4.41 25.68 -28.51
C THR C 143 -4.41 27.16 -28.04
N ALA C 144 -3.43 27.92 -28.52
CA ALA C 144 -3.42 29.38 -28.40
C ALA C 144 -2.98 29.99 -29.72
N SER D 6 5.95 37.32 -4.83
CA SER D 6 4.57 36.95 -5.30
C SER D 6 4.56 35.52 -5.85
N ARG D 7 3.54 34.76 -5.41
CA ARG D 7 3.48 33.31 -5.64
C ARG D 7 2.08 32.87 -5.99
N ARG D 8 2.01 31.74 -6.69
CA ARG D 8 0.74 31.23 -7.21
C ARG D 8 0.75 29.70 -7.32
N MET D 9 -0.34 29.07 -6.87
CA MET D 9 -0.60 27.66 -7.12
C MET D 9 -0.79 27.45 -8.62
N LEU D 10 0.06 26.63 -9.25
CA LEU D 10 0.05 26.48 -10.71
C LEU D 10 -0.75 25.27 -11.18
N HIS D 11 -0.57 24.14 -10.51
CA HIS D 11 -1.25 22.92 -10.92
C HIS D 11 -1.08 21.81 -9.88
N THR D 12 -1.90 20.78 -10.06
CA THR D 12 -1.88 19.55 -9.29
C THR D 12 -1.64 18.41 -10.31
N MET D 13 -0.73 17.50 -9.98
CA MET D 13 -0.34 16.39 -10.88
C MET D 13 -0.80 15.04 -10.30
N ILE D 14 -1.45 14.27 -11.17
CA ILE D 14 -1.77 12.85 -10.90
C ILE D 14 -1.26 11.94 -12.03
N ARG D 15 -0.96 10.69 -11.69
CA ARG D 15 -0.50 9.69 -12.67
C ARG D 15 -1.70 8.86 -13.16
N VAL D 16 -1.69 8.54 -14.45
CA VAL D 16 -2.80 7.90 -15.12
C VAL D 16 -2.34 6.72 -15.97
N GLY D 17 -3.13 5.67 -16.00
CA GLY D 17 -2.76 4.45 -16.68
C GLY D 17 -3.08 4.40 -18.16
N ASP D 18 -4.08 5.17 -18.59
CA ASP D 18 -4.52 5.21 -20.01
C ASP D 18 -4.77 6.69 -20.26
N LEU D 19 -3.86 7.32 -21.00
CA LEU D 19 -3.87 8.75 -21.14
C LEU D 19 -5.12 9.27 -21.85
N ASP D 20 -5.48 8.65 -22.96
CA ASP D 20 -6.60 9.11 -23.76
C ASP D 20 -7.94 8.95 -23.04
N ARG D 21 -8.08 7.88 -22.28
CA ARG D 21 -9.24 7.66 -21.43
C ARG D 21 -9.39 8.77 -20.38
N SER D 22 -8.29 9.16 -19.73
CA SER D 22 -8.32 10.23 -18.73
C SER D 22 -8.66 11.56 -19.39
N ILE D 23 -8.02 11.87 -20.51
CA ILE D 23 -8.34 13.11 -21.24
C ILE D 23 -9.82 13.22 -21.60
N LYS D 24 -10.38 12.13 -22.11
CA LYS D 24 -11.79 12.06 -22.46
C LYS D 24 -12.72 12.38 -21.26
N PHE D 25 -12.43 11.80 -20.11
CA PHE D 25 -13.18 12.10 -18.89
C PHE D 25 -13.12 13.60 -18.51
N TYR D 26 -11.91 14.13 -18.38
CA TYR D 26 -11.73 15.53 -17.95
C TYR D 26 -12.26 16.56 -18.93
N THR D 27 -12.22 16.24 -20.22
CA THR D 27 -12.77 17.14 -21.23
C THR D 27 -14.27 16.96 -21.41
N GLU D 28 -14.70 15.74 -21.77
CA GLU D 28 -16.10 15.50 -22.09
C GLU D 28 -17.01 15.50 -20.86
N ARG D 29 -16.55 14.92 -19.76
CA ARG D 29 -17.39 14.82 -18.57
C ARG D 29 -17.28 16.05 -17.66
N LEU D 30 -16.10 16.66 -17.58
CA LEU D 30 -15.90 17.83 -16.69
C LEU D 30 -15.76 19.21 -17.39
N GLY D 31 -15.67 19.23 -18.72
CA GLY D 31 -15.64 20.50 -19.45
C GLY D 31 -14.27 21.18 -19.50
N MET D 32 -13.22 20.46 -19.11
CA MET D 32 -11.88 21.01 -19.24
C MET D 32 -11.43 21.00 -20.71
N LYS D 33 -10.40 21.78 -21.03
CA LYS D 33 -9.74 21.73 -22.32
C LYS D 33 -8.31 21.30 -22.17
N VAL D 34 -7.82 20.56 -23.16
CA VAL D 34 -6.39 20.23 -23.23
C VAL D 34 -5.63 21.49 -23.62
N LEU D 35 -4.67 21.84 -22.78
CA LEU D 35 -3.88 23.04 -22.96
C LEU D 35 -2.62 22.75 -23.78
N ARG D 36 -1.88 21.71 -23.37
CA ARG D 36 -0.69 21.32 -24.10
C ARG D 36 -0.23 19.94 -23.64
N LYS D 37 0.63 19.33 -24.45
CA LYS D 37 1.20 18.03 -24.16
C LYS D 37 2.74 18.13 -24.17
N TRP D 38 3.40 17.18 -23.49
CA TRP D 38 4.85 17.14 -23.43
C TRP D 38 5.21 15.66 -23.40
N ASP D 39 5.66 15.14 -24.54
CA ASP D 39 5.95 13.71 -24.67
C ASP D 39 7.46 13.53 -24.76
N VAL D 40 8.01 12.64 -23.93
CA VAL D 40 9.45 12.39 -23.90
C VAL D 40 9.70 10.90 -24.09
N PRO D 41 9.67 10.43 -25.36
CA PRO D 41 9.75 8.99 -25.61
C PRO D 41 10.98 8.32 -25.01
N GLU D 42 12.11 9.01 -24.97
CA GLU D 42 13.35 8.42 -24.47
C GLU D 42 13.25 8.18 -22.97
N ASP D 43 12.52 9.04 -22.27
CA ASP D 43 12.32 8.90 -20.85
C ASP D 43 11.01 8.17 -20.52
N LYS D 44 10.31 7.69 -21.53
CA LYS D 44 9.11 6.86 -21.38
C LYS D 44 7.98 7.52 -20.57
N TYR D 45 7.72 8.78 -20.87
CA TYR D 45 6.59 9.45 -20.24
C TYR D 45 5.99 10.52 -21.12
N THR D 46 4.73 10.85 -20.83
CA THR D 46 3.98 11.90 -21.46
C THR D 46 3.28 12.71 -20.37
N LEU D 47 3.33 14.03 -20.48
CA LEU D 47 2.54 14.92 -19.63
C LEU D 47 1.44 15.61 -20.45
N VAL D 48 0.28 15.80 -19.83
CA VAL D 48 -0.79 16.60 -20.42
C VAL D 48 -1.37 17.56 -19.40
N PHE D 49 -1.49 18.84 -19.79
CA PHE D 49 -2.05 19.88 -18.94
C PHE D 49 -3.45 20.22 -19.47
N LEU D 50 -4.42 20.20 -18.57
CA LEU D 50 -5.82 20.47 -18.89
C LEU D 50 -6.36 21.42 -17.84
N GLY D 51 -7.29 22.27 -18.23
CA GLY D 51 -7.94 23.15 -17.28
C GLY D 51 -9.09 23.92 -17.87
N TYR D 52 -9.59 24.85 -17.07
CA TYR D 52 -10.74 25.70 -17.45
C TYR D 52 -10.27 27.02 -18.02
N GLY D 53 -8.97 27.28 -17.93
CA GLY D 53 -8.34 28.39 -18.62
C GLY D 53 -6.85 28.12 -18.78
N PRO D 54 -6.13 29.04 -19.43
CA PRO D 54 -4.69 28.83 -19.58
C PRO D 54 -3.96 28.92 -18.26
N GLU D 55 -2.79 28.28 -18.23
CA GLU D 55 -1.94 28.28 -17.04
C GLU D 55 -1.57 29.68 -16.60
N MET D 56 -1.53 30.61 -17.56
CA MET D 56 -1.17 31.98 -17.28
C MET D 56 -2.19 32.65 -16.35
N SER D 57 -3.44 32.18 -16.34
CA SER D 57 -4.46 32.79 -15.48
C SER D 57 -5.27 31.84 -14.60
N SER D 58 -4.92 30.55 -14.62
CA SER D 58 -5.68 29.52 -13.91
C SER D 58 -4.73 28.52 -13.30
N THR D 59 -5.24 27.81 -12.29
CA THR D 59 -4.57 26.67 -11.69
C THR D 59 -5.18 25.44 -12.38
N VAL D 60 -4.31 24.54 -12.86
CA VAL D 60 -4.75 23.50 -13.78
C VAL D 60 -4.42 22.08 -13.27
N LEU D 61 -4.72 21.08 -14.10
CA LEU D 61 -4.47 19.69 -13.80
C LEU D 61 -3.41 19.14 -14.77
N GLU D 62 -2.43 18.44 -14.20
CA GLU D 62 -1.38 17.75 -14.95
C GLU D 62 -1.53 16.23 -14.84
N LEU D 63 -1.63 15.55 -15.99
CA LEU D 63 -1.64 14.09 -16.03
C LEU D 63 -0.27 13.59 -16.47
N THR D 64 0.24 12.58 -15.78
CA THR D 64 1.47 11.91 -16.18
C THR D 64 1.15 10.48 -16.56
N TYR D 65 1.55 10.09 -17.76
CA TYR D 65 1.50 8.71 -18.24
C TYR D 65 2.92 8.17 -18.33
N ASN D 66 3.17 7.04 -17.67
CA ASN D 66 4.43 6.34 -17.71
C ASN D 66 4.27 5.14 -18.61
N TYR D 67 5.12 5.03 -19.63
CA TYR D 67 4.93 4.02 -20.65
C TYR D 67 4.92 2.65 -19.97
N GLY D 68 3.92 1.85 -20.31
CA GLY D 68 3.83 0.49 -19.76
C GLY D 68 3.30 0.37 -18.33
N VAL D 69 3.05 1.48 -17.64
CA VAL D 69 2.38 1.42 -16.33
C VAL D 69 0.88 1.63 -16.58
N THR D 70 0.10 0.59 -16.32
CA THR D 70 -1.28 0.50 -16.81
C THR D 70 -2.33 0.95 -15.81
N SER D 71 -1.93 1.10 -14.54
CA SER D 71 -2.87 1.30 -13.44
C SER D 71 -2.09 1.66 -12.17
N TYR D 72 -2.77 2.38 -11.28
CA TYR D 72 -2.20 2.85 -10.00
C TYR D 72 -3.13 2.49 -8.84
N LYS D 73 -2.57 2.18 -7.68
CA LYS D 73 -3.39 2.01 -6.47
C LYS D 73 -3.36 3.28 -5.63
N HIS D 74 -4.43 3.49 -4.88
CA HIS D 74 -4.54 4.73 -4.11
C HIS D 74 -4.24 4.49 -2.63
N ASP D 75 -3.50 5.44 -2.04
CA ASP D 75 -3.26 5.55 -0.61
C ASP D 75 -4.41 6.24 0.09
N GLU D 76 -4.36 6.30 1.40
CA GLU D 76 -5.35 7.05 2.15
C GLU D 76 -4.88 8.48 2.45
N ALA D 77 -3.90 9.02 1.72
CA ALA D 77 -3.26 10.31 2.07
C ALA D 77 -3.80 11.45 1.19
N TYR D 78 -3.52 11.37 -0.10
CA TYR D 78 -4.08 12.29 -1.06
C TYR D 78 -5.61 12.23 -1.02
N GLY D 79 -6.24 13.39 -1.09
CA GLY D 79 -7.68 13.53 -0.96
C GLY D 79 -8.37 13.63 -2.30
N HIS D 80 -8.36 14.82 -2.86
CA HIS D 80 -9.11 15.08 -4.07
C HIS D 80 -8.78 16.46 -4.61
N ILE D 81 -9.27 16.72 -5.82
CA ILE D 81 -9.44 18.08 -6.31
C ILE D 81 -10.93 18.42 -6.23
N ALA D 82 -11.20 19.69 -5.93
CA ALA D 82 -12.56 20.21 -5.90
C ALA D 82 -12.77 21.15 -7.07
N ILE D 83 -13.89 20.99 -7.75
CA ILE D 83 -14.32 21.82 -8.86
C ILE D 83 -15.64 22.50 -8.51
N GLY D 84 -15.66 23.83 -8.72
CA GLY D 84 -16.84 24.66 -8.52
C GLY D 84 -17.70 24.69 -9.76
N VAL D 85 -18.99 24.36 -9.62
CA VAL D 85 -19.92 24.30 -10.73
C VAL D 85 -21.24 25.03 -10.41
N GLU D 86 -22.07 25.19 -11.44
CA GLU D 86 -23.35 25.91 -11.31
C GLU D 86 -24.47 25.04 -10.77
N ASP D 87 -24.47 23.75 -11.11
CA ASP D 87 -25.56 22.83 -10.76
C ASP D 87 -25.02 21.41 -10.56
N VAL D 88 -24.79 21.05 -9.30
CA VAL D 88 -24.19 19.76 -8.99
C VAL D 88 -25.11 18.62 -9.41
N LYS D 89 -26.41 18.75 -9.12
CA LYS D 89 -27.36 17.68 -9.42
CA LYS D 89 -27.39 17.71 -9.43
C LYS D 89 -27.42 17.37 -10.92
N GLU D 90 -27.39 18.41 -11.76
CA GLU D 90 -27.42 18.19 -13.22
C GLU D 90 -26.14 17.54 -13.71
N LEU D 91 -25.01 17.99 -13.20
CA LEU D 91 -23.74 17.42 -13.61
C LEU D 91 -23.65 15.95 -13.22
N VAL D 92 -24.05 15.62 -12.00
CA VAL D 92 -24.05 14.23 -11.50
C VAL D 92 -25.00 13.37 -12.35
N ALA D 93 -26.14 13.93 -12.74
CA ALA D 93 -27.10 13.22 -13.59
C ALA D 93 -26.44 12.86 -14.90
N ASP D 94 -25.74 13.83 -15.47
CA ASP D 94 -25.02 13.60 -16.72
C ASP D 94 -23.90 12.56 -16.57
N MET D 95 -23.15 12.65 -15.49
CA MET D 95 -22.12 11.65 -15.18
C MET D 95 -22.70 10.23 -15.10
N ARG D 96 -23.80 10.11 -14.38
CA ARG D 96 -24.48 8.83 -14.19
C ARG D 96 -24.91 8.26 -15.55
N LYS D 97 -25.45 9.14 -16.38
CA LYS D 97 -25.76 8.84 -17.79
C LYS D 97 -24.60 8.13 -18.51
N HIS D 98 -23.37 8.54 -18.21
CA HIS D 98 -22.19 7.98 -18.87
C HIS D 98 -21.43 6.97 -17.99
N ASP D 99 -22.11 6.42 -16.99
CA ASP D 99 -21.58 5.32 -16.16
C ASP D 99 -20.40 5.72 -15.28
N VAL D 100 -20.29 7.00 -14.95
CA VAL D 100 -19.23 7.45 -14.05
C VAL D 100 -19.62 7.01 -12.63
N PRO D 101 -18.69 6.40 -11.88
CA PRO D 101 -19.10 6.06 -10.52
C PRO D 101 -19.36 7.28 -9.65
N ILE D 102 -20.50 7.28 -8.96
CA ILE D 102 -20.85 8.36 -8.06
C ILE D 102 -20.66 7.80 -6.66
N ASP D 103 -19.71 8.35 -5.92
CA ASP D 103 -19.46 7.85 -4.55
C ASP D 103 -20.41 8.46 -3.52
N TYR D 104 -20.76 9.73 -3.70
CA TYR D 104 -21.61 10.44 -2.73
C TYR D 104 -22.35 11.58 -3.43
N GLU D 105 -23.58 11.82 -3.00
CA GLU D 105 -24.35 12.90 -3.55
C GLU D 105 -25.30 13.35 -2.46
N ASP D 106 -25.30 14.64 -2.11
CA ASP D 106 -26.25 15.12 -1.07
C ASP D 106 -27.61 15.49 -1.65
N GLU D 107 -28.57 15.77 -0.78
CA GLU D 107 -29.92 16.14 -1.21
C GLU D 107 -30.01 17.58 -1.67
N SER D 108 -29.24 18.47 -1.03
CA SER D 108 -29.33 19.91 -1.28
C SER D 108 -28.75 20.32 -2.63
N GLY D 109 -27.86 19.50 -3.18
CA GLY D 109 -27.09 19.86 -4.38
C GLY D 109 -25.85 20.67 -4.09
N PHE D 110 -25.42 20.72 -2.82
CA PHE D 110 -24.20 21.45 -2.45
C PHE D 110 -22.95 20.71 -2.90
N MET D 111 -22.93 19.39 -2.69
CA MET D 111 -21.73 18.60 -2.82
C MET D 111 -21.96 17.21 -3.41
N ALA D 112 -21.00 16.73 -4.18
CA ALA D 112 -20.95 15.35 -4.63
C ALA D 112 -19.50 14.90 -4.81
N PHE D 113 -19.29 13.58 -4.74
CA PHE D 113 -18.01 12.97 -5.07
C PHE D 113 -18.17 11.97 -6.22
N VAL D 114 -17.32 12.11 -7.23
CA VAL D 114 -17.29 11.17 -8.35
C VAL D 114 -15.87 10.60 -8.53
N VAL D 115 -15.79 9.50 -9.26
CA VAL D 115 -14.54 8.77 -9.42
C VAL D 115 -14.09 8.86 -10.86
N ASP D 116 -12.85 9.31 -11.05
CA ASP D 116 -12.27 9.36 -12.41
C ASP D 116 -11.85 7.96 -12.88
N PRO D 117 -11.47 7.83 -14.16
CA PRO D 117 -11.10 6.52 -14.72
C PRO D 117 -9.95 5.79 -14.05
N ASP D 118 -9.07 6.51 -13.37
CA ASP D 118 -7.98 5.89 -12.61
C ASP D 118 -8.26 5.67 -11.12
N GLY D 119 -9.47 6.00 -10.68
CA GLY D 119 -9.87 5.78 -9.30
C GLY D 119 -9.66 6.93 -8.34
N TYR D 120 -9.28 8.10 -8.84
CA TYR D 120 -9.12 9.30 -8.02
C TYR D 120 -10.49 9.91 -7.78
N TYR D 121 -10.62 10.60 -6.65
CA TYR D 121 -11.87 11.28 -6.31
C TYR D 121 -11.85 12.75 -6.76
N ILE D 122 -13.01 13.18 -7.25
CA ILE D 122 -13.27 14.57 -7.62
CA ILE D 122 -13.24 14.57 -7.58
C ILE D 122 -14.46 15.06 -6.80
N GLU D 123 -14.29 16.15 -6.06
CA GLU D 123 -15.37 16.79 -5.33
C GLU D 123 -16.02 17.85 -6.24
N LEU D 124 -17.32 17.73 -6.42
CA LEU D 124 -18.12 18.73 -7.11
C LEU D 124 -18.86 19.60 -6.10
N LEU D 125 -18.75 20.91 -6.23
CA LEU D 125 -19.32 21.85 -5.25
C LEU D 125 -20.06 22.95 -5.97
N ASN D 126 -21.25 23.28 -5.46
CA ASN D 126 -21.96 24.46 -5.90
C ASN D 126 -21.12 25.64 -5.50
N GLU D 127 -20.56 26.33 -6.47
CA GLU D 127 -19.54 27.34 -6.20
C GLU D 127 -20.08 28.55 -5.44
N LYS D 128 -21.27 29.02 -5.81
CA LYS D 128 -21.89 30.17 -5.13
C LYS D 128 -22.08 29.90 -3.64
N THR D 129 -22.62 28.72 -3.32
CA THR D 129 -22.88 28.35 -1.94
C THR D 129 -21.54 28.24 -1.19
N MET D 130 -20.55 27.65 -1.85
CA MET D 130 -19.23 27.47 -1.25
C MET D 130 -18.54 28.79 -0.94
N MET D 131 -18.59 29.72 -1.89
CA MET D 131 -17.94 31.02 -1.71
C MET D 131 -18.66 31.90 -0.71
N GLU D 132 -19.99 31.79 -0.65
CA GLU D 132 -20.79 32.49 0.39
C GLU D 132 -20.33 32.03 1.79
N LYS D 133 -20.27 30.72 1.97
CA LYS D 133 -19.83 30.13 3.24
C LYS D 133 -18.36 30.51 3.55
N ALA D 134 -17.47 30.43 2.55
CA ALA D 134 -16.07 30.80 2.74
C ALA D 134 -15.90 32.25 3.21
N GLU D 135 -16.65 33.16 2.60
CA GLU D 135 -16.52 34.56 2.96
C GLU D 135 -17.06 34.87 4.34
N ALA D 136 -18.16 34.22 4.71
CA ALA D 136 -18.75 34.43 6.04
C ALA D 136 -17.80 33.88 7.13
N ASP D 137 -17.22 32.72 6.85
CA ASP D 137 -16.22 32.13 7.77
C ASP D 137 -14.97 33.02 7.94
N MET D 138 -14.46 33.58 6.85
CA MET D 138 -13.29 34.46 6.93
C MET D 138 -13.59 35.69 7.80
N LYS D 139 -14.78 36.26 7.63
CA LYS D 139 -15.22 37.40 8.41
C LYS D 139 -15.37 37.04 9.90
N GLU D 140 -16.02 35.92 10.18
CA GLU D 140 -16.17 35.42 11.55
C GLU D 140 -14.79 35.18 12.21
N GLN D 141 -13.89 34.56 11.45
CA GLN D 141 -12.57 34.16 11.96
C GLN D 141 -11.50 35.25 11.94
N GLY D 142 -11.79 36.38 11.32
CA GLY D 142 -10.90 37.54 11.37
C GLY D 142 -9.82 37.54 10.30
N THR D 143 -10.01 36.77 9.23
CA THR D 143 -9.07 36.75 8.11
C THR D 143 -9.58 37.55 6.91
N ALA D 144 -10.82 38.03 7.00
CA ALA D 144 -11.33 39.08 6.11
C ALA D 144 -12.00 40.15 6.95
N SER E 6 -11.61 -36.96 -9.91
CA SER E 6 -11.53 -36.12 -11.14
C SER E 6 -11.69 -34.63 -10.85
N ARG E 7 -10.87 -33.83 -11.53
CA ARG E 7 -10.76 -32.41 -11.24
C ARG E 7 -10.90 -31.58 -12.49
N ARG E 8 -11.25 -30.32 -12.28
CA ARG E 8 -11.46 -29.39 -13.36
C ARG E 8 -11.10 -27.98 -12.93
N MET E 9 -10.52 -27.24 -13.87
CA MET E 9 -10.23 -25.83 -13.66
C MET E 9 -11.53 -25.06 -13.83
N LEU E 10 -11.94 -24.33 -12.80
CA LEU E 10 -13.27 -23.71 -12.79
C LEU E 10 -13.25 -22.26 -13.21
N HIS E 11 -12.36 -21.47 -12.62
CA HIS E 11 -12.25 -20.06 -13.03
C HIS E 11 -10.95 -19.45 -12.58
N THR E 12 -10.69 -18.26 -13.12
CA THR E 12 -9.60 -17.41 -12.69
C THR E 12 -10.22 -16.13 -12.14
N MET E 13 -9.71 -15.63 -11.01
CA MET E 13 -10.25 -14.43 -10.40
C MET E 13 -9.28 -13.24 -10.46
N ILE E 14 -9.83 -12.09 -10.83
CA ILE E 14 -9.15 -10.82 -10.77
C ILE E 14 -10.02 -9.80 -10.01
N ARG E 15 -9.35 -8.87 -9.33
CA ARG E 15 -10.02 -7.77 -8.65
C ARG E 15 -10.15 -6.54 -9.56
N VAL E 16 -11.31 -5.89 -9.52
CA VAL E 16 -11.62 -4.77 -10.40
C VAL E 16 -12.14 -3.55 -9.62
N GLY E 17 -11.78 -2.37 -10.11
CA GLY E 17 -12.19 -1.12 -9.48
C GLY E 17 -13.62 -0.64 -9.76
N ASP E 18 -14.08 -0.82 -11.00
CA ASP E 18 -15.40 -0.38 -11.44
C ASP E 18 -16.02 -1.60 -12.12
N LEU E 19 -16.99 -2.21 -11.44
CA LEU E 19 -17.52 -3.50 -11.85
C LEU E 19 -18.20 -3.45 -13.21
N ASP E 20 -19.05 -2.45 -13.42
CA ASP E 20 -19.79 -2.33 -14.68
C ASP E 20 -18.88 -2.00 -15.86
N ARG E 21 -17.85 -1.19 -15.63
CA ARG E 21 -16.91 -0.90 -16.70
C ARG E 21 -16.22 -2.20 -17.14
N SER E 22 -15.86 -3.03 -16.18
CA SER E 22 -15.18 -4.29 -16.50
C SER E 22 -16.14 -5.27 -17.22
N ILE E 23 -17.39 -5.34 -16.77
CA ILE E 23 -18.39 -6.17 -17.43
C ILE E 23 -18.56 -5.73 -18.90
N LYS E 24 -18.64 -4.42 -19.10
CA LYS E 24 -18.80 -3.84 -20.43
C LYS E 24 -17.66 -4.28 -21.36
N PHE E 25 -16.44 -4.28 -20.84
CA PHE E 25 -15.26 -4.72 -21.62
C PHE E 25 -15.35 -6.19 -22.02
N TYR E 26 -15.53 -7.06 -21.04
CA TYR E 26 -15.49 -8.50 -21.28
C TYR E 26 -16.67 -8.99 -22.15
N THR E 27 -17.82 -8.34 -22.01
CA THR E 27 -18.96 -8.68 -22.86
C THR E 27 -18.89 -8.01 -24.26
N GLU E 28 -18.83 -6.69 -24.29
CA GLU E 28 -18.91 -5.96 -25.56
C GLU E 28 -17.64 -6.05 -26.40
N ARG E 29 -16.45 -6.05 -25.78
CA ARG E 29 -15.20 -6.15 -26.55
C ARG E 29 -14.74 -7.59 -26.79
N LEU E 30 -14.97 -8.47 -25.81
CA LEU E 30 -14.49 -9.88 -25.88
C LEU E 30 -15.58 -10.92 -26.16
N GLY E 31 -16.85 -10.55 -26.03
CA GLY E 31 -17.92 -11.43 -26.40
C GLY E 31 -18.27 -12.47 -25.36
N MET E 32 -17.86 -12.25 -24.12
CA MET E 32 -18.32 -13.10 -23.02
C MET E 32 -19.76 -12.72 -22.67
N LYS E 33 -20.43 -13.59 -21.90
CA LYS E 33 -21.73 -13.28 -21.32
C LYS E 33 -21.62 -13.30 -19.80
N VAL E 34 -22.46 -12.49 -19.16
CA VAL E 34 -22.58 -12.48 -17.72
C VAL E 34 -23.38 -13.73 -17.31
N LEU E 35 -22.79 -14.53 -16.42
CA LEU E 35 -23.35 -15.80 -16.01
C LEU E 35 -24.21 -15.60 -14.77
N ARG E 36 -23.61 -15.00 -13.74
CA ARG E 36 -24.34 -14.69 -12.51
C ARG E 36 -23.56 -13.69 -11.66
N LYS E 37 -24.27 -13.07 -10.70
CA LYS E 37 -23.69 -12.13 -9.74
C LYS E 37 -23.94 -12.58 -8.30
N TRP E 38 -23.10 -12.10 -7.39
CA TRP E 38 -23.11 -12.58 -6.02
C TRP E 38 -22.64 -11.43 -5.13
N ASP E 39 -23.59 -10.70 -4.56
CA ASP E 39 -23.28 -9.52 -3.74
C ASP E 39 -23.26 -9.85 -2.25
N VAL E 40 -22.21 -9.44 -1.54
CA VAL E 40 -22.12 -9.68 -0.10
C VAL E 40 -21.83 -8.38 0.64
N PRO E 41 -22.88 -7.61 0.96
CA PRO E 41 -22.67 -6.32 1.60
C PRO E 41 -22.06 -6.44 3.00
N GLU E 42 -22.38 -7.51 3.73
CA GLU E 42 -21.79 -7.72 5.05
C GLU E 42 -20.27 -7.88 4.98
N ASP E 43 -19.74 -8.40 3.88
CA ASP E 43 -18.29 -8.56 3.72
C ASP E 43 -17.67 -7.57 2.72
N LYS E 44 -18.50 -6.63 2.23
CA LYS E 44 -18.04 -5.51 1.40
C LYS E 44 -17.43 -5.91 0.05
N TYR E 45 -18.05 -6.88 -0.61
CA TYR E 45 -17.65 -7.23 -1.96
C TYR E 45 -18.80 -7.77 -2.81
N THR E 46 -18.58 -7.72 -4.11
CA THR E 46 -19.50 -8.26 -5.12
C THR E 46 -18.69 -9.09 -6.10
N LEU E 47 -19.18 -10.29 -6.41
CA LEU E 47 -18.57 -11.14 -7.44
C LEU E 47 -19.42 -11.16 -8.70
N VAL E 48 -18.77 -11.27 -9.85
CA VAL E 48 -19.47 -11.51 -11.12
C VAL E 48 -18.70 -12.53 -11.93
N PHE E 49 -19.40 -13.54 -12.44
CA PHE E 49 -18.79 -14.55 -13.30
C PHE E 49 -19.19 -14.34 -14.75
N LEU E 50 -18.20 -14.38 -15.64
CA LEU E 50 -18.38 -14.18 -17.06
C LEU E 50 -17.64 -15.24 -17.82
N GLY E 51 -18.18 -15.63 -18.97
CA GLY E 51 -17.49 -16.57 -19.82
C GLY E 51 -18.14 -16.81 -21.16
N TYR E 52 -17.62 -17.83 -21.84
CA TYR E 52 -18.08 -18.21 -23.17
C TYR E 52 -19.08 -19.35 -23.09
N GLY E 53 -19.23 -19.91 -21.89
CA GLY E 53 -20.26 -20.90 -21.58
C GLY E 53 -20.47 -20.94 -20.07
N PRO E 54 -21.48 -21.71 -19.61
CA PRO E 54 -21.76 -21.77 -18.17
C PRO E 54 -20.75 -22.61 -17.42
N GLU E 55 -20.57 -22.21 -16.12
CA GLU E 55 -19.55 -22.79 -15.25
C GLU E 55 -19.65 -24.30 -15.24
N MET E 56 -20.86 -24.84 -15.43
CA MET E 56 -21.08 -26.28 -15.53
C MET E 56 -20.28 -26.94 -16.66
N SER E 57 -20.11 -26.25 -17.79
CA SER E 57 -19.38 -26.82 -18.92
C SER E 57 -18.11 -26.07 -19.37
N SER E 58 -17.78 -24.94 -18.74
CA SER E 58 -16.63 -24.09 -19.13
C SER E 58 -15.80 -23.63 -17.94
N THR E 59 -14.59 -23.15 -18.25
CA THR E 59 -13.75 -22.42 -17.31
C THR E 59 -13.98 -20.95 -17.61
N VAL E 60 -14.26 -20.18 -16.56
CA VAL E 60 -14.79 -18.82 -16.71
C VAL E 60 -13.89 -17.80 -15.99
N LEU E 61 -14.28 -16.53 -16.05
CA LEU E 61 -13.60 -15.43 -15.36
C LEU E 61 -14.45 -14.95 -14.20
N GLU E 62 -13.83 -14.80 -13.02
CA GLU E 62 -14.51 -14.21 -11.86
C GLU E 62 -13.96 -12.81 -11.57
N LEU E 63 -14.87 -11.84 -11.47
CA LEU E 63 -14.48 -10.45 -11.15
C LEU E 63 -14.90 -10.18 -9.71
N THR E 64 -14.00 -9.61 -8.93
CA THR E 64 -14.27 -9.23 -7.57
C THR E 64 -14.15 -7.71 -7.43
N TYR E 65 -15.24 -7.05 -7.00
CA TYR E 65 -15.23 -5.65 -6.62
C TYR E 65 -15.26 -5.54 -5.08
N ASN E 66 -14.23 -4.93 -4.50
CA ASN E 66 -14.20 -4.61 -3.06
C ASN E 66 -14.72 -3.20 -2.81
N TYR E 67 -15.73 -3.08 -1.96
CA TYR E 67 -16.44 -1.81 -1.79
C TYR E 67 -15.43 -0.72 -1.46
N GLY E 68 -15.42 0.33 -2.27
CA GLY E 68 -14.56 1.47 -2.02
C GLY E 68 -13.12 1.35 -2.49
N VAL E 69 -12.75 0.23 -3.10
CA VAL E 69 -11.40 0.08 -3.66
C VAL E 69 -11.53 0.38 -5.16
N THR E 70 -11.05 1.55 -5.55
CA THR E 70 -11.36 2.09 -6.89
C THR E 70 -10.41 1.67 -8.00
N SER E 71 -9.28 1.08 -7.62
CA SER E 71 -8.19 0.80 -8.56
C SER E 71 -7.15 -0.14 -7.95
N TYR E 72 -6.38 -0.81 -8.81
CA TYR E 72 -5.35 -1.78 -8.38
C TYR E 72 -4.02 -1.51 -9.07
N LYS E 73 -2.92 -1.83 -8.40
CA LYS E 73 -1.62 -1.85 -9.07
C LYS E 73 -1.18 -3.28 -9.36
N HIS E 74 -0.37 -3.43 -10.40
CA HIS E 74 0.01 -4.73 -10.91
C HIS E 74 1.46 -5.05 -10.59
N ASP E 75 1.68 -6.29 -10.18
CA ASP E 75 2.99 -6.88 -9.93
C ASP E 75 3.61 -7.39 -11.22
N GLU E 76 4.80 -7.96 -11.12
CA GLU E 76 5.46 -8.57 -12.28
C GLU E 76 5.41 -10.10 -12.21
N ALA E 77 4.51 -10.64 -11.40
CA ALA E 77 4.34 -12.09 -11.21
C ALA E 77 3.21 -12.61 -12.09
N TYR E 78 1.98 -12.21 -11.80
CA TYR E 78 0.83 -12.68 -12.60
C TYR E 78 1.01 -12.27 -14.04
N GLY E 79 0.77 -13.21 -14.96
CA GLY E 79 0.92 -12.98 -16.38
C GLY E 79 -0.32 -12.45 -17.08
N HIS E 80 -1.24 -13.35 -17.42
CA HIS E 80 -2.39 -13.04 -18.24
C HIS E 80 -3.36 -14.21 -18.32
N ILE E 81 -4.55 -13.94 -18.86
CA ILE E 81 -5.43 -14.95 -19.40
C ILE E 81 -5.29 -14.91 -20.93
N ALA E 82 -5.27 -16.09 -21.56
CA ALA E 82 -5.21 -16.23 -23.00
C ALA E 82 -6.53 -16.74 -23.55
N ILE E 83 -7.01 -16.07 -24.59
CA ILE E 83 -8.29 -16.39 -25.22
C ILE E 83 -8.06 -16.78 -26.68
N GLY E 84 -8.62 -17.94 -27.03
CA GLY E 84 -8.52 -18.50 -28.36
C GLY E 84 -9.57 -17.89 -29.25
N VAL E 85 -9.13 -17.45 -30.42
CA VAL E 85 -9.89 -16.53 -31.24
C VAL E 85 -9.82 -17.00 -32.70
N GLU E 86 -10.80 -16.62 -33.52
CA GLU E 86 -10.80 -16.99 -34.94
C GLU E 86 -9.99 -16.03 -35.84
N ASP E 87 -9.93 -14.75 -35.46
CA ASP E 87 -9.22 -13.73 -36.25
C ASP E 87 -8.67 -12.63 -35.35
N VAL E 88 -7.43 -12.80 -34.91
CA VAL E 88 -6.78 -11.82 -34.04
C VAL E 88 -6.67 -10.44 -34.68
N LYS E 89 -6.28 -10.40 -35.96
CA LYS E 89 -6.12 -9.10 -36.63
C LYS E 89 -7.43 -8.31 -36.62
N GLU E 90 -8.53 -8.99 -36.93
CA GLU E 90 -9.83 -8.34 -36.97
C GLU E 90 -10.26 -7.92 -35.57
N LEU E 91 -10.08 -8.80 -34.60
CA LEU E 91 -10.45 -8.50 -33.22
C LEU E 91 -9.62 -7.34 -32.66
N VAL E 92 -8.32 -7.35 -32.91
CA VAL E 92 -7.45 -6.27 -32.45
C VAL E 92 -7.84 -4.94 -33.10
N ALA E 93 -8.32 -4.97 -34.33
CA ALA E 93 -8.73 -3.75 -35.02
C ALA E 93 -10.01 -3.15 -34.41
N ASP E 94 -10.93 -4.02 -33.99
CA ASP E 94 -12.16 -3.61 -33.32
C ASP E 94 -11.88 -3.05 -31.91
N MET E 95 -10.95 -3.68 -31.21
CA MET E 95 -10.49 -3.17 -29.91
C MET E 95 -9.86 -1.79 -30.07
N ARG E 96 -8.97 -1.68 -31.05
CA ARG E 96 -8.27 -0.43 -31.33
C ARG E 96 -9.27 0.69 -31.63
N LYS E 97 -10.27 0.36 -32.45
CA LYS E 97 -11.37 1.27 -32.78
C LYS E 97 -12.13 1.77 -31.55
N HIS E 98 -12.28 0.91 -30.54
CA HIS E 98 -12.94 1.30 -29.29
C HIS E 98 -11.95 1.71 -28.17
N ASP E 99 -10.79 2.25 -28.55
CA ASP E 99 -9.81 2.87 -27.64
C ASP E 99 -9.23 1.96 -26.55
N VAL E 100 -9.21 0.65 -26.81
CA VAL E 100 -8.56 -0.33 -25.93
C VAL E 100 -7.04 -0.25 -26.16
N PRO E 101 -6.23 -0.12 -25.08
CA PRO E 101 -4.78 -0.14 -25.33
C PRO E 101 -4.30 -1.47 -25.93
N ILE E 102 -3.59 -1.37 -27.06
CA ILE E 102 -2.99 -2.54 -27.71
C ILE E 102 -1.49 -2.55 -27.41
N ASP E 103 -1.03 -3.55 -26.68
CA ASP E 103 0.35 -3.63 -26.23
C ASP E 103 1.24 -4.21 -27.34
N TYR E 104 0.74 -5.24 -28.01
CA TYR E 104 1.49 -5.94 -29.02
C TYR E 104 0.54 -6.64 -30.01
N GLU E 105 0.94 -6.67 -31.28
CA GLU E 105 0.24 -7.41 -32.34
C GLU E 105 1.33 -7.89 -33.28
N ASP E 106 1.35 -9.19 -33.58
CA ASP E 106 2.36 -9.71 -34.50
C ASP E 106 1.81 -9.65 -35.92
N GLU E 107 2.71 -9.77 -36.90
CA GLU E 107 2.33 -9.59 -38.30
C GLU E 107 1.52 -10.77 -38.84
N SER E 108 1.83 -11.98 -38.37
CA SER E 108 1.21 -13.19 -38.90
C SER E 108 -0.23 -13.41 -38.40
N GLY E 109 -0.67 -12.59 -37.45
CA GLY E 109 -2.02 -12.69 -36.89
C GLY E 109 -2.18 -13.76 -35.83
N PHE E 110 -1.07 -14.34 -35.38
CA PHE E 110 -1.11 -15.44 -34.41
C PHE E 110 -1.42 -14.95 -32.99
N MET E 111 -0.85 -13.80 -32.60
CA MET E 111 -0.82 -13.38 -31.21
C MET E 111 -0.96 -11.86 -31.09
N ALA E 112 -1.69 -11.42 -30.06
CA ALA E 112 -1.75 -10.02 -29.66
C ALA E 112 -1.90 -9.90 -28.14
N PHE E 113 -1.50 -8.76 -27.61
CA PHE E 113 -1.72 -8.43 -26.20
C PHE E 113 -2.49 -7.13 -26.06
N VAL E 114 -3.58 -7.18 -25.31
CA VAL E 114 -4.42 -6.01 -25.09
C VAL E 114 -4.59 -5.78 -23.58
N VAL E 115 -5.00 -4.57 -23.20
CA VAL E 115 -5.10 -4.17 -21.79
C VAL E 115 -6.57 -3.89 -21.40
N ASP E 116 -7.03 -4.56 -20.34
CA ASP E 116 -8.39 -4.38 -19.82
C ASP E 116 -8.50 -3.07 -19.00
N PRO E 117 -9.74 -2.67 -18.63
CA PRO E 117 -9.92 -1.36 -17.96
C PRO E 117 -9.21 -1.21 -16.62
N ASP E 118 -8.88 -2.32 -15.97
CA ASP E 118 -8.11 -2.26 -14.72
C ASP E 118 -6.60 -2.42 -14.91
N GLY E 119 -6.18 -2.63 -16.15
CA GLY E 119 -4.75 -2.68 -16.48
C GLY E 119 -4.16 -4.08 -16.56
N TYR E 120 -4.99 -5.11 -16.50
CA TYR E 120 -4.56 -6.50 -16.69
C TYR E 120 -4.34 -6.80 -18.17
N TYR E 121 -3.45 -7.74 -18.48
CA TYR E 121 -3.17 -8.11 -19.87
C TYR E 121 -4.01 -9.30 -20.28
N ILE E 122 -4.49 -9.24 -21.53
CA ILE E 122 -5.17 -10.36 -22.15
CA ILE E 122 -5.20 -10.34 -22.18
C ILE E 122 -4.42 -10.71 -23.44
N GLU E 123 -4.11 -11.99 -23.59
CA GLU E 123 -3.43 -12.49 -24.76
C GLU E 123 -4.49 -13.03 -25.70
N LEU E 124 -4.50 -12.55 -26.94
CA LEU E 124 -5.38 -13.09 -27.96
C LEU E 124 -4.55 -14.01 -28.83
N LEU E 125 -5.01 -15.26 -29.02
CA LEU E 125 -4.31 -16.25 -29.85
C LEU E 125 -5.22 -16.82 -30.93
N ASN E 126 -4.67 -17.03 -32.12
CA ASN E 126 -5.37 -17.80 -33.13
C ASN E 126 -5.50 -19.24 -32.64
N GLU E 127 -6.73 -19.59 -32.28
CA GLU E 127 -6.98 -20.89 -31.65
C GLU E 127 -6.52 -22.06 -32.52
N LYS E 128 -6.80 -22.01 -33.82
CA LYS E 128 -6.37 -23.08 -34.74
C LYS E 128 -4.85 -23.31 -34.71
N THR E 129 -4.08 -22.24 -34.93
CA THR E 129 -2.63 -22.35 -34.97
C THR E 129 -2.05 -22.84 -33.63
N MET E 130 -2.59 -22.31 -32.54
CA MET E 130 -2.12 -22.67 -31.20
C MET E 130 -2.29 -24.17 -30.91
N MET E 131 -3.45 -24.71 -31.24
CA MET E 131 -3.76 -26.11 -30.99
C MET E 131 -2.96 -27.06 -31.88
N GLU E 132 -2.82 -26.72 -33.16
CA GLU E 132 -2.02 -27.52 -34.09
C GLU E 132 -0.59 -27.66 -33.58
N LYS E 133 -0.03 -26.54 -33.12
CA LYS E 133 1.29 -26.49 -32.50
C LYS E 133 1.34 -27.32 -31.22
N ALA E 134 0.32 -27.18 -30.38
CA ALA E 134 0.27 -27.88 -29.11
C ALA E 134 0.21 -29.40 -29.28
N GLU E 135 -0.62 -29.88 -30.21
CA GLU E 135 -0.76 -31.33 -30.44
C GLU E 135 0.52 -31.92 -31.00
N ALA E 136 1.10 -31.22 -31.99
CA ALA E 136 2.38 -31.61 -32.57
C ALA E 136 3.49 -31.72 -31.51
N ASP E 137 3.53 -30.76 -30.59
CA ASP E 137 4.52 -30.78 -29.51
C ASP E 137 4.28 -31.89 -28.48
N MET E 138 3.01 -32.18 -28.19
CA MET E 138 2.66 -33.28 -27.29
C MET E 138 3.12 -34.60 -27.91
N LYS E 139 2.86 -34.76 -29.21
CA LYS E 139 3.29 -35.94 -29.95
C LYS E 139 4.82 -36.05 -29.99
N GLU E 140 5.48 -34.92 -30.22
CA GLU E 140 6.94 -34.87 -30.25
C GLU E 140 7.55 -35.23 -28.90
N GLN E 141 7.03 -34.62 -27.83
CA GLN E 141 7.54 -34.82 -26.47
C GLN E 141 6.89 -36.02 -25.75
N GLY E 142 6.08 -36.80 -26.48
CA GLY E 142 5.54 -38.05 -25.96
C GLY E 142 4.55 -37.95 -24.81
N THR E 143 3.79 -36.86 -24.76
CA THR E 143 2.69 -36.71 -23.79
C THR E 143 1.34 -37.08 -24.40
N ALA E 144 1.31 -37.33 -25.72
CA ALA E 144 0.13 -37.83 -26.41
C ALA E 144 0.54 -38.75 -27.56
N SER F 6 -16.38 -18.19 -32.81
CA SER F 6 -16.36 -18.89 -31.49
C SER F 6 -15.03 -18.68 -30.76
N ARG F 7 -15.12 -18.51 -29.45
CA ARG F 7 -13.97 -18.18 -28.62
C ARG F 7 -13.95 -19.02 -27.36
N ARG F 8 -12.76 -19.17 -26.77
CA ARG F 8 -12.55 -20.06 -25.66
C ARG F 8 -11.39 -19.57 -24.82
N MET F 9 -11.51 -19.72 -23.50
CA MET F 9 -10.41 -19.45 -22.58
C MET F 9 -9.42 -20.58 -22.74
N LEU F 10 -8.18 -20.26 -23.09
CA LEU F 10 -7.17 -21.28 -23.32
C LEU F 10 -6.36 -21.52 -22.07
N HIS F 11 -5.83 -20.47 -21.46
CA HIS F 11 -5.02 -20.63 -20.26
C HIS F 11 -4.87 -19.38 -19.45
N THR F 12 -4.39 -19.59 -18.23
CA THR F 12 -3.96 -18.53 -17.35
C THR F 12 -2.45 -18.70 -17.18
N MET F 13 -1.72 -17.59 -17.26
CA MET F 13 -0.24 -17.58 -17.14
C MET F 13 0.25 -16.92 -15.85
N ILE F 14 1.10 -17.64 -15.13
CA ILE F 14 1.79 -17.11 -13.97
C ILE F 14 3.29 -17.30 -14.16
N ARG F 15 4.07 -16.35 -13.65
CA ARG F 15 5.53 -16.46 -13.69
C ARG F 15 6.01 -17.17 -12.44
N VAL F 16 6.96 -18.11 -12.61
CA VAL F 16 7.47 -18.94 -11.50
C VAL F 16 8.99 -18.90 -11.45
N GLY F 17 9.54 -19.01 -10.24
CA GLY F 17 10.98 -18.97 -10.04
C GLY F 17 11.68 -20.26 -10.42
N ASP F 18 11.03 -21.40 -10.17
CA ASP F 18 11.64 -22.71 -10.40
C ASP F 18 10.63 -23.75 -10.95
N LEU F 19 10.85 -24.15 -12.21
CA LEU F 19 9.94 -25.06 -12.92
C LEU F 19 9.76 -26.40 -12.22
N ASP F 20 10.84 -26.93 -11.65
CA ASP F 20 10.80 -28.24 -10.98
C ASP F 20 9.97 -28.18 -9.70
N ARG F 21 10.15 -27.10 -8.93
CA ARG F 21 9.35 -26.86 -7.73
C ARG F 21 7.87 -26.66 -8.06
N SER F 22 7.59 -25.98 -9.17
CA SER F 22 6.21 -25.68 -9.56
C SER F 22 5.54 -26.91 -10.16
N ILE F 23 6.21 -27.55 -11.11
CA ILE F 23 5.72 -28.77 -11.72
C ILE F 23 5.38 -29.81 -10.64
N LYS F 24 6.26 -29.94 -9.64
CA LYS F 24 6.07 -30.92 -8.58
C LYS F 24 4.82 -30.67 -7.74
N PHE F 25 4.56 -29.40 -7.44
CA PHE F 25 3.38 -29.02 -6.66
C PHE F 25 2.09 -29.28 -7.41
N TYR F 26 2.02 -28.83 -8.65
CA TYR F 26 0.79 -28.94 -9.44
C TYR F 26 0.46 -30.38 -9.85
N THR F 27 1.49 -31.18 -10.10
CA THR F 27 1.31 -32.57 -10.43
C THR F 27 1.03 -33.44 -9.20
N GLU F 28 1.92 -33.38 -8.21
CA GLU F 28 1.82 -34.29 -7.06
C GLU F 28 0.77 -33.86 -6.04
N ARG F 29 0.56 -32.55 -5.87
CA ARG F 29 -0.40 -32.06 -4.88
C ARG F 29 -1.79 -31.79 -5.47
N LEU F 30 -1.85 -31.42 -6.75
CA LEU F 30 -3.13 -31.09 -7.41
C LEU F 30 -3.55 -32.06 -8.53
N GLY F 31 -2.67 -32.98 -8.92
CA GLY F 31 -3.06 -34.04 -9.85
C GLY F 31 -3.20 -33.62 -11.30
N MET F 32 -2.52 -32.54 -11.67
CA MET F 32 -2.39 -32.18 -13.08
C MET F 32 -1.32 -33.05 -13.74
N LYS F 33 -1.26 -33.00 -15.07
CA LYS F 33 -0.11 -33.52 -15.81
C LYS F 33 0.55 -32.41 -16.61
N VAL F 34 1.86 -32.54 -16.80
CA VAL F 34 2.61 -31.71 -17.74
C VAL F 34 2.15 -32.07 -19.15
N LEU F 35 1.57 -31.11 -19.86
CA LEU F 35 1.07 -31.34 -21.20
C LEU F 35 2.21 -31.19 -22.19
N ARG F 36 2.95 -30.10 -22.07
CA ARG F 36 4.12 -29.89 -22.92
C ARG F 36 5.01 -28.78 -22.36
N LYS F 37 6.15 -28.61 -23.01
CA LYS F 37 7.07 -27.51 -22.74
C LYS F 37 7.42 -26.83 -24.05
N TRP F 38 7.86 -25.58 -23.95
CA TRP F 38 8.17 -24.77 -25.12
C TRP F 38 9.34 -23.87 -24.75
N ASP F 39 10.56 -24.31 -25.04
CA ASP F 39 11.76 -23.54 -24.69
C ASP F 39 12.06 -22.49 -25.75
N VAL F 40 12.44 -21.30 -25.28
CA VAL F 40 12.75 -20.17 -26.13
C VAL F 40 14.06 -19.54 -25.62
N PRO F 41 15.20 -20.17 -25.95
CA PRO F 41 16.49 -19.65 -25.50
C PRO F 41 16.93 -18.36 -26.19
N GLU F 42 16.31 -18.04 -27.33
CA GLU F 42 16.61 -16.80 -28.06
C GLU F 42 16.07 -15.58 -27.31
N ASP F 43 14.99 -15.78 -26.56
CA ASP F 43 14.39 -14.74 -25.73
C ASP F 43 14.45 -15.09 -24.24
N LYS F 44 15.26 -16.10 -23.89
CA LYS F 44 15.61 -16.44 -22.51
C LYS F 44 14.42 -16.73 -21.57
N TYR F 45 13.55 -17.64 -21.98
CA TYR F 45 12.50 -18.14 -21.09
C TYR F 45 12.02 -19.51 -21.53
N THR F 46 11.29 -20.18 -20.64
CA THR F 46 10.69 -21.48 -20.96
C THR F 46 9.27 -21.55 -20.40
N LEU F 47 8.35 -22.04 -21.23
CA LEU F 47 6.96 -22.22 -20.87
C LEU F 47 6.70 -23.69 -20.58
N VAL F 48 5.87 -23.95 -19.57
CA VAL F 48 5.38 -25.30 -19.30
C VAL F 48 3.87 -25.18 -19.18
N PHE F 49 3.16 -26.08 -19.84
CA PHE F 49 1.71 -26.14 -19.79
C PHE F 49 1.27 -27.34 -18.95
N LEU F 50 0.40 -27.06 -17.99
CA LEU F 50 -0.10 -28.02 -17.02
C LEU F 50 -1.60 -27.96 -16.96
N GLY F 51 -2.25 -29.13 -16.85
CA GLY F 51 -3.67 -29.17 -16.63
C GLY F 51 -4.24 -30.57 -16.51
N TYR F 52 -5.56 -30.62 -16.37
CA TYR F 52 -6.28 -31.87 -16.19
C TYR F 52 -6.68 -32.48 -17.52
N GLY F 53 -6.37 -31.78 -18.61
CA GLY F 53 -6.54 -32.34 -19.95
C GLY F 53 -5.74 -31.59 -20.99
N PRO F 54 -5.77 -32.08 -22.24
CA PRO F 54 -5.11 -31.43 -23.36
C PRO F 54 -5.61 -30.01 -23.58
N GLU F 55 -4.72 -29.13 -24.03
CA GLU F 55 -5.09 -27.78 -24.41
C GLU F 55 -6.18 -27.73 -25.46
N MET F 56 -6.36 -28.81 -26.21
CA MET F 56 -7.39 -28.84 -27.23
C MET F 56 -8.81 -28.80 -26.62
N SER F 57 -8.95 -29.38 -25.42
CA SER F 57 -10.26 -29.56 -24.77
C SER F 57 -10.34 -29.03 -23.34
N SER F 58 -9.27 -28.43 -22.84
CA SER F 58 -9.25 -27.88 -21.49
C SER F 58 -8.67 -26.47 -21.43
N THR F 59 -9.02 -25.78 -20.36
CA THR F 59 -8.39 -24.52 -20.00
C THR F 59 -7.31 -24.91 -19.01
N VAL F 60 -6.08 -24.46 -19.25
CA VAL F 60 -4.91 -25.00 -18.57
C VAL F 60 -4.07 -23.91 -17.89
N LEU F 61 -2.98 -24.32 -17.25
CA LEU F 61 -2.05 -23.42 -16.59
C LEU F 61 -0.73 -23.30 -17.35
N GLU F 62 -0.37 -22.08 -17.73
CA GLU F 62 0.91 -21.78 -18.39
C GLU F 62 1.85 -21.20 -17.36
N LEU F 63 2.93 -21.91 -17.08
CA LEU F 63 4.00 -21.42 -16.21
C LEU F 63 5.09 -20.80 -17.08
N THR F 64 5.54 -19.60 -16.72
CA THR F 64 6.66 -18.94 -17.40
C THR F 64 7.86 -18.84 -16.45
N TYR F 65 9.01 -19.36 -16.91
CA TYR F 65 10.27 -19.27 -16.18
C TYR F 65 11.20 -18.36 -16.97
N ASN F 66 11.56 -17.22 -16.39
CA ASN F 66 12.55 -16.33 -16.98
C ASN F 66 13.94 -16.74 -16.51
N TYR F 67 14.84 -16.94 -17.47
CA TYR F 67 16.17 -17.46 -17.20
C TYR F 67 16.82 -16.63 -16.09
N GLY F 68 17.11 -17.26 -14.96
CA GLY F 68 17.85 -16.60 -13.87
C GLY F 68 17.05 -15.83 -12.84
N VAL F 69 15.77 -15.57 -13.13
CA VAL F 69 14.87 -14.95 -12.16
C VAL F 69 14.21 -16.04 -11.35
N THR F 70 14.42 -16.02 -10.03
CA THR F 70 14.04 -17.13 -9.16
C THR F 70 12.99 -16.77 -8.11
N SER F 71 12.45 -15.56 -8.19
CA SER F 71 11.48 -15.10 -7.21
C SER F 71 10.62 -13.98 -7.78
N TYR F 72 9.35 -13.96 -7.37
CA TYR F 72 8.41 -12.89 -7.75
C TYR F 72 7.60 -12.48 -6.51
N LYS F 73 7.42 -11.18 -6.32
CA LYS F 73 6.53 -10.65 -5.28
C LYS F 73 5.17 -10.27 -5.89
N HIS F 74 4.15 -10.30 -5.06
CA HIS F 74 2.76 -10.29 -5.52
C HIS F 74 2.03 -9.00 -5.16
N ASP F 75 1.13 -8.60 -6.06
CA ASP F 75 0.21 -7.48 -5.86
C ASP F 75 -1.03 -8.02 -5.15
N GLU F 76 -1.94 -7.14 -4.78
CA GLU F 76 -3.24 -7.55 -4.26
C GLU F 76 -4.32 -7.28 -5.32
N ALA F 77 -3.98 -7.53 -6.58
CA ALA F 77 -4.87 -7.32 -7.72
C ALA F 77 -5.30 -8.67 -8.28
N TYR F 78 -4.36 -9.43 -8.84
CA TYR F 78 -4.67 -10.79 -9.28
C TYR F 78 -5.17 -11.61 -8.07
N GLY F 79 -6.24 -12.39 -8.28
CA GLY F 79 -6.85 -13.19 -7.23
C GLY F 79 -6.30 -14.59 -7.11
N HIS F 80 -6.76 -15.47 -7.99
CA HIS F 80 -6.44 -16.89 -7.88
C HIS F 80 -7.02 -17.67 -9.04
N ILE F 81 -6.65 -18.94 -9.08
CA ILE F 81 -7.33 -19.95 -9.88
C ILE F 81 -8.14 -20.80 -8.92
N ALA F 82 -9.32 -21.24 -9.38
CA ALA F 82 -10.19 -22.12 -8.61
C ALA F 82 -10.26 -23.46 -9.31
N ILE F 83 -10.13 -24.52 -8.52
CA ILE F 83 -10.15 -25.91 -9.01
C ILE F 83 -11.30 -26.65 -8.33
N GLY F 84 -12.09 -27.35 -9.15
CA GLY F 84 -13.23 -28.13 -8.68
C GLY F 84 -12.78 -29.53 -8.32
N VAL F 85 -13.18 -29.97 -7.13
CA VAL F 85 -12.63 -31.15 -6.50
C VAL F 85 -13.80 -31.99 -5.95
N GLU F 86 -13.58 -33.28 -5.71
CA GLU F 86 -14.63 -34.16 -5.17
C GLU F 86 -14.71 -34.13 -3.63
N ASP F 87 -13.57 -33.91 -2.97
CA ASP F 87 -13.51 -33.87 -1.50
C ASP F 87 -12.39 -32.93 -1.04
N VAL F 88 -12.78 -31.73 -0.61
CA VAL F 88 -11.85 -30.64 -0.26
C VAL F 88 -11.13 -30.88 1.06
N LYS F 89 -11.87 -31.29 2.08
CA LYS F 89 -11.28 -31.59 3.39
C LYS F 89 -10.20 -32.67 3.27
N GLU F 90 -10.41 -33.62 2.36
CA GLU F 90 -9.41 -34.66 2.11
C GLU F 90 -8.17 -34.08 1.45
N LEU F 91 -8.39 -33.24 0.45
CA LEU F 91 -7.29 -32.66 -0.30
C LEU F 91 -6.45 -31.75 0.58
N VAL F 92 -7.12 -31.00 1.46
CA VAL F 92 -6.43 -30.11 2.41
C VAL F 92 -5.60 -30.93 3.40
N ALA F 93 -6.22 -31.96 3.98
CA ALA F 93 -5.50 -32.85 4.90
C ALA F 93 -4.22 -33.40 4.25
N ASP F 94 -4.32 -33.78 2.98
CA ASP F 94 -3.18 -34.28 2.21
C ASP F 94 -2.17 -33.17 1.89
N MET F 95 -2.68 -32.04 1.39
CA MET F 95 -1.87 -30.83 1.18
C MET F 95 -1.05 -30.49 2.42
N ARG F 96 -1.73 -30.47 3.57
CA ARG F 96 -1.15 -30.06 4.85
C ARG F 96 -0.08 -31.03 5.32
N LYS F 97 -0.30 -32.29 4.97
CA LYS F 97 0.63 -33.39 5.23
C LYS F 97 1.91 -33.28 4.37
N HIS F 98 1.93 -32.33 3.42
CA HIS F 98 3.14 -32.05 2.65
C HIS F 98 3.64 -30.59 2.80
N ASP F 99 3.26 -29.96 3.90
CA ASP F 99 3.65 -28.58 4.23
C ASP F 99 3.27 -27.52 3.18
N VAL F 100 2.12 -27.73 2.55
CA VAL F 100 1.53 -26.72 1.70
C VAL F 100 0.81 -25.73 2.63
N PRO F 101 1.13 -24.43 2.53
CA PRO F 101 0.40 -23.48 3.38
C PRO F 101 -1.09 -23.47 3.04
N ILE F 102 -1.91 -23.59 4.08
CA ILE F 102 -3.35 -23.53 3.97
C ILE F 102 -3.76 -22.18 4.50
N ASP F 103 -4.32 -21.34 3.64
CA ASP F 103 -4.71 -20.01 4.05
C ASP F 103 -6.05 -20.03 4.75
N TYR F 104 -7.00 -20.73 4.15
CA TYR F 104 -8.37 -20.79 4.68
C TYR F 104 -9.02 -22.13 4.37
N GLU F 105 -9.84 -22.60 5.29
CA GLU F 105 -10.55 -23.86 5.14
C GLU F 105 -11.87 -23.74 5.90
N ASP F 106 -12.99 -23.69 5.18
CA ASP F 106 -14.30 -23.58 5.82
C ASP F 106 -14.68 -24.86 6.57
N GLU F 107 -15.85 -24.84 7.23
CA GLU F 107 -16.29 -25.95 8.07
C GLU F 107 -17.11 -26.98 7.29
N SER F 108 -17.80 -26.54 6.25
CA SER F 108 -18.73 -27.39 5.49
C SER F 108 -18.04 -28.35 4.51
N GLY F 109 -16.77 -28.10 4.21
CA GLY F 109 -16.06 -28.83 3.17
C GLY F 109 -16.31 -28.29 1.76
N PHE F 110 -16.85 -27.08 1.66
CA PHE F 110 -17.16 -26.46 0.36
C PHE F 110 -15.98 -25.72 -0.25
N MET F 111 -15.18 -25.06 0.57
CA MET F 111 -14.16 -24.14 0.08
C MET F 111 -12.87 -24.16 0.91
N ALA F 112 -11.74 -23.95 0.24
CA ALA F 112 -10.46 -23.75 0.91
C ALA F 112 -9.51 -22.96 0.03
N PHE F 113 -8.57 -22.25 0.68
CA PHE F 113 -7.51 -21.55 -0.03
C PHE F 113 -6.14 -22.11 0.38
N VAL F 114 -5.35 -22.49 -0.62
CA VAL F 114 -3.97 -22.97 -0.39
C VAL F 114 -2.99 -22.15 -1.25
N VAL F 115 -1.71 -22.21 -0.90
CA VAL F 115 -0.69 -21.34 -1.52
C VAL F 115 0.35 -22.15 -2.26
N ASP F 116 0.60 -21.81 -3.52
CA ASP F 116 1.60 -22.53 -4.31
C ASP F 116 3.04 -22.10 -3.91
N PRO F 117 4.07 -22.78 -4.44
CA PRO F 117 5.45 -22.50 -4.00
C PRO F 117 5.95 -21.06 -4.22
N ASP F 118 5.45 -20.41 -5.28
CA ASP F 118 5.83 -19.04 -5.61
C ASP F 118 4.97 -18.00 -4.88
N GLY F 119 3.89 -18.45 -4.25
CA GLY F 119 3.04 -17.58 -3.43
C GLY F 119 1.68 -17.24 -4.03
N TYR F 120 1.32 -17.88 -5.15
CA TYR F 120 0.00 -17.67 -5.76
C TYR F 120 -1.06 -18.45 -4.97
N TYR F 121 -2.27 -17.89 -4.91
CA TYR F 121 -3.39 -18.54 -4.23
C TYR F 121 -4.17 -19.43 -5.18
N ILE F 122 -4.59 -20.57 -4.63
CA ILE F 122 -5.44 -21.52 -5.33
CA ILE F 122 -5.41 -21.56 -5.31
C ILE F 122 -6.68 -21.78 -4.49
N GLU F 123 -7.85 -21.61 -5.11
CA GLU F 123 -9.11 -21.88 -4.43
C GLU F 123 -9.55 -23.30 -4.74
N LEU F 124 -9.79 -24.08 -3.69
CA LEU F 124 -10.31 -25.45 -3.86
C LEU F 124 -11.79 -25.43 -3.49
N LEU F 125 -12.63 -25.95 -4.39
CA LEU F 125 -14.08 -25.93 -4.22
C LEU F 125 -14.68 -27.31 -4.46
N ASN F 126 -15.63 -27.68 -3.62
CA ASN F 126 -16.42 -28.87 -3.91
C ASN F 126 -17.20 -28.59 -5.19
N GLU F 127 -16.91 -29.35 -6.24
CA GLU F 127 -17.45 -29.03 -7.56
C GLU F 127 -18.96 -29.21 -7.62
N LYS F 128 -19.47 -30.32 -7.07
CA LYS F 128 -20.91 -30.57 -7.01
C LYS F 128 -21.63 -29.33 -6.47
N THR F 129 -21.26 -28.96 -5.24
CA THR F 129 -21.93 -27.87 -4.53
C THR F 129 -21.84 -26.55 -5.28
N MET F 130 -20.66 -26.26 -5.82
CA MET F 130 -20.43 -25.05 -6.60
C MET F 130 -21.35 -24.99 -7.81
N MET F 131 -21.45 -26.10 -8.56
CA MET F 131 -22.24 -26.13 -9.79
C MET F 131 -23.75 -26.13 -9.53
N GLU F 132 -24.19 -26.80 -8.46
CA GLU F 132 -25.60 -26.77 -8.05
C GLU F 132 -26.02 -25.35 -7.70
N LYS F 133 -25.19 -24.69 -6.90
CA LYS F 133 -25.39 -23.29 -6.51
C LYS F 133 -25.33 -22.33 -7.71
N ALA F 134 -24.44 -22.61 -8.66
CA ALA F 134 -24.31 -21.80 -9.86
C ALA F 134 -25.53 -21.91 -10.78
N GLU F 135 -26.06 -23.13 -10.96
CA GLU F 135 -27.22 -23.34 -11.84
C GLU F 135 -28.54 -22.81 -11.24
N ALA F 136 -28.59 -22.85 -9.89
CA ALA F 136 -29.73 -22.28 -9.19
C ALA F 136 -29.72 -20.75 -9.30
N ASP F 137 -28.54 -20.16 -9.12
CA ASP F 137 -28.38 -18.71 -9.30
C ASP F 137 -28.72 -18.27 -10.73
N MET F 138 -28.19 -18.98 -11.72
CA MET F 138 -28.44 -18.60 -13.12
C MET F 138 -29.94 -18.66 -13.44
N LYS F 139 -30.64 -19.67 -12.91
CA LYS F 139 -32.08 -19.76 -13.09
C LYS F 139 -32.79 -18.62 -12.36
N GLU F 140 -32.32 -18.31 -11.14
CA GLU F 140 -32.89 -17.23 -10.34
C GLU F 140 -32.66 -15.84 -10.99
N GLN F 141 -31.49 -15.66 -11.60
CA GLN F 141 -31.11 -14.39 -12.22
C GLN F 141 -31.44 -14.29 -13.72
N GLY F 142 -32.02 -15.35 -14.27
CA GLY F 142 -32.57 -15.31 -15.63
C GLY F 142 -31.56 -15.45 -16.75
N THR F 143 -30.40 -16.04 -16.45
CA THR F 143 -29.36 -16.31 -17.45
C THR F 143 -29.31 -17.80 -17.80
N ALA F 144 -30.15 -18.59 -17.12
CA ALA F 144 -30.49 -19.95 -17.54
C ALA F 144 -31.98 -20.12 -17.29
NI NI G . 4.05 0.50 28.26
NI NI H . 17.70 -4.70 14.05
C1 MPD I . -0.05 -1.01 34.53
C2 MPD I . 1.40 -0.75 34.92
O2 MPD I . 2.20 -1.82 34.37
CM MPD I . 1.54 -0.77 36.43
C3 MPD I . 1.92 0.63 34.45
C4 MPD I . 2.18 0.76 32.93
O4 MPD I . 1.68 -0.32 32.18
C5 MPD I . 1.64 2.06 32.36
C1 MRD J . -0.05 -1.01 34.53
C2 MRD J . 1.40 -0.75 34.92
O2 MRD J . 2.20 -1.82 34.37
CM MRD J . 1.54 -0.77 36.43
C3 MRD J . 1.92 0.63 34.45
C4 MRD J . 2.04 0.83 32.93
O4 MRD J . 2.86 -0.13 32.31
C5 MRD J . 2.59 2.23 32.65
C1 MPD K . -2.47 4.52 24.68
C2 MPD K . -2.70 5.75 23.78
O2 MPD K . -1.43 6.40 23.54
CM MPD K . -3.64 6.75 24.49
C3 MPD K . -3.28 5.33 22.43
C4 MPD K . -2.20 4.91 21.45
O4 MPD K . -1.21 4.13 22.09
C5 MPD K . -2.78 4.18 20.26
NA NA L . 4.56 10.81 8.47
NI NI M . -12.57 19.47 -0.45
NI NI N . 4.08 19.54 -12.11
C1 MPD O . 11.68 13.28 -8.68
C2 MPD O . 10.25 13.31 -8.12
O2 MPD O . 9.31 13.57 -9.20
CM MPD O . 10.12 14.40 -7.07
C3 MPD O . 9.87 11.96 -7.53
C4 MPD O . 8.50 11.99 -6.83
O4 MPD O . 7.57 12.87 -7.46
C5 MPD O . 7.92 10.57 -6.76
C1 MPD P . 7.74 19.97 -19.07
C2 MPD P . 7.14 21.30 -18.65
O2 MPD P . 5.68 21.21 -18.62
CM MPD P . 7.47 22.32 -19.73
C3 MPD P . 7.76 21.76 -17.33
C4 MPD P . 7.22 21.10 -16.05
O4 MPD P . 6.54 19.88 -16.28
C5 MPD P . 8.30 20.89 -15.01
C1 MRD Q . 7.74 19.97 -19.07
C2 MRD Q . 7.14 21.30 -18.65
O2 MRD Q . 5.68 21.21 -18.62
CM MRD Q . 7.47 22.32 -19.73
C3 MRD Q . 7.76 21.76 -17.33
C4 MRD Q . 7.35 20.98 -16.07
O4 MRD Q . 5.95 20.84 -15.92
C5 MRD Q . 7.89 21.68 -14.83
C1 MPD R . -16.65 10.17 -0.03
C2 MPD R . -15.21 9.67 0.17
O2 MPD R . -15.18 8.22 0.00
CM MPD R . -14.82 9.97 1.62
C3 MPD R . -14.33 10.37 -0.87
C4 MPD R . -12.84 10.48 -0.58
O4 MPD R . -12.64 11.54 0.30
C5 MPD R . -12.16 9.21 -0.03
NA NA S . -6.91 1.47 -12.48
NI NI T . -12.99 -17.84 -6.79
NI NI U . 0.02 -17.13 -22.83
C1 MPD V . 6.22 -7.71 -22.96
C2 MPD V . 5.18 -8.75 -22.55
O2 MPD V . 5.69 -9.35 -21.32
CM MPD V . 5.11 -9.84 -23.63
C3 MPD V . 3.80 -8.10 -22.35
C4 MPD V . 3.24 -8.10 -20.93
O4 MPD V . 2.94 -9.42 -20.53
C5 MPD V . 4.15 -7.43 -19.89
#